data_4TSY
#
_entry.id   4TSY
#
_cell.length_a   151.337
_cell.length_b   199.879
_cell.length_c   120.580
_cell.angle_alpha   90.00
_cell.angle_beta   90.00
_cell.angle_gamma   90.00
#
_symmetry.space_group_name_H-M   'C 2 2 21'
#
loop_
_entity.id
_entity.type
_entity.pdbx_description
1 polymer 'Fragaceatoxin C'
2 non-polymer 2-[[(E,2S,3R)-2-(hexanoylamino)-3-oxidanyl-dec-4-enoxy]-oxidanyl-phosphoryl]oxyethyl-trimethyl-azanium
3 non-polymer 'SULFATE ION'
4 non-polymer HEPTANE-1,2,3-TRIOL
5 water water
#
_entity_poly.entity_id   1
_entity_poly.type   'polypeptide(L)'
_entity_poly.pdbx_seq_one_letter_code
;SADVAGAVIDGAGLGFDVLKTVLEALGNVKRKIAVGIDNESGKTWTAMNTYFRSGTSDIVLPHKVAHGKALLYNGQKNRG
PVATGVVGVIAYSMSDGNTLAVLFSVPYDYNWYSNWWNVRVYKGQKRADQRMYEELYYHRSPFRGDNGWHSRGLGYGLKS
RGFMNSSGHAILEIHVTKA
;
_entity_poly.pdbx_strand_id   A,B,C,D
#
# COMPACT_ATOMS: atom_id res chain seq x y z
N VAL A 4 23.90 5.10 -47.92
CA VAL A 4 24.99 6.03 -47.52
C VAL A 4 25.52 5.58 -46.17
N ALA A 5 26.82 5.80 -45.94
CA ALA A 5 27.49 5.47 -44.66
C ALA A 5 26.91 6.24 -43.47
N GLY A 6 26.02 7.20 -43.74
CA GLY A 6 25.11 7.76 -42.72
C GLY A 6 24.40 6.72 -41.87
N ALA A 7 24.00 5.61 -42.47
CA ALA A 7 23.34 4.53 -41.73
C ALA A 7 24.30 3.70 -40.85
N VAL A 8 25.59 3.71 -41.18
CA VAL A 8 26.63 3.05 -40.36
C VAL A 8 26.86 3.82 -39.06
N ILE A 9 26.85 5.16 -39.18
CA ILE A 9 27.03 6.06 -38.04
C ILE A 9 25.87 5.92 -37.03
N ASP A 10 24.65 5.76 -37.52
CA ASP A 10 23.48 5.52 -36.67
C ASP A 10 23.45 4.10 -36.12
N GLY A 11 23.87 3.15 -36.94
CA GLY A 11 24.02 1.76 -36.48
C GLY A 11 24.95 1.70 -35.30
N ALA A 12 26.09 2.38 -35.42
CA ALA A 12 27.05 2.52 -34.32
C ALA A 12 26.39 3.18 -33.11
N GLY A 13 25.61 4.24 -33.37
CA GLY A 13 24.89 4.97 -32.32
C GLY A 13 23.90 4.12 -31.55
N LEU A 14 23.01 3.48 -32.28
CA LEU A 14 22.11 2.54 -31.66
C LEU A 14 22.92 1.48 -30.95
N GLY A 15 23.83 0.85 -31.69
CA GLY A 15 24.70 -0.19 -31.11
C GLY A 15 25.37 0.22 -29.82
N PHE A 16 25.77 1.48 -29.73
CA PHE A 16 26.39 2.02 -28.53
C PHE A 16 25.40 2.19 -27.37
N ASP A 17 24.18 2.68 -27.66
CA ASP A 17 23.11 2.82 -26.64
C ASP A 17 22.59 1.49 -26.14
N VAL A 18 22.55 0.48 -27.00
CA VAL A 18 22.30 -0.88 -26.54
C VAL A 18 23.36 -1.22 -25.52
N LEU A 19 24.62 -1.06 -25.91
CA LEU A 19 25.71 -1.55 -25.08
C LEU A 19 25.60 -0.99 -23.68
N LYS A 20 25.42 0.32 -23.56
CA LYS A 20 25.49 0.91 -22.22
C LYS A 20 24.26 0.58 -21.38
N THR A 21 23.07 0.57 -22.01
CA THR A 21 21.90 0.02 -21.32
C THR A 21 22.20 -1.34 -20.68
N VAL A 22 22.82 -2.22 -21.44
CA VAL A 22 23.12 -3.55 -20.94
C VAL A 22 24.17 -3.49 -19.83
N LEU A 23 25.19 -2.63 -19.98
CA LEU A 23 26.24 -2.55 -18.97
C LEU A 23 25.75 -1.89 -17.70
N GLU A 24 24.95 -0.83 -17.82
CA GLU A 24 24.30 -0.22 -16.62
C GLU A 24 23.31 -1.15 -15.91
N ALA A 25 22.71 -2.07 -16.66
CA ALA A 25 21.86 -3.09 -16.06
C ALA A 25 22.69 -4.04 -15.22
N LEU A 26 23.64 -4.73 -15.85
CA LEU A 26 24.47 -5.72 -15.14
C LEU A 26 25.23 -5.07 -13.96
N GLY A 27 25.51 -3.78 -14.12
CA GLY A 27 26.08 -2.98 -13.07
C GLY A 27 25.17 -2.87 -11.87
N ASN A 28 23.87 -2.84 -12.08
CA ASN A 28 22.92 -2.71 -10.97
C ASN A 28 22.54 -3.98 -10.26
N VAL A 29 22.88 -5.14 -10.82
CA VAL A 29 22.61 -6.39 -10.14
C VAL A 29 23.51 -6.41 -8.94
N LYS A 30 22.92 -6.57 -7.76
CA LYS A 30 23.67 -6.62 -6.52
C LYS A 30 23.57 -8.02 -5.98
N ARG A 31 24.69 -8.52 -5.52
CA ARG A 31 24.72 -9.77 -4.79
C ARG A 31 25.48 -9.44 -3.54
N LYS A 32 24.91 -9.71 -2.37
CA LYS A 32 25.66 -9.46 -1.16
C LYS A 32 25.29 -10.36 -0.03
N ILE A 33 26.13 -10.35 0.99
CA ILE A 33 25.93 -11.22 2.12
C ILE A 33 26.30 -10.57 3.43
N ALA A 34 25.36 -10.59 4.37
CA ALA A 34 25.60 -10.20 5.73
C ALA A 34 25.77 -11.49 6.48
N VAL A 35 26.80 -11.59 7.31
CA VAL A 35 27.02 -12.76 8.09
C VAL A 35 27.05 -12.37 9.53
N GLY A 36 26.30 -13.11 10.35
CA GLY A 36 26.30 -12.92 11.79
C GLY A 36 26.40 -14.29 12.45
N ILE A 37 27.47 -14.50 13.24
CA ILE A 37 27.69 -15.75 13.92
C ILE A 37 27.78 -15.48 15.39
N ASP A 38 27.02 -16.22 16.15
CA ASP A 38 26.94 -16.07 17.59
C ASP A 38 27.81 -17.11 18.28
N ASN A 39 28.82 -16.64 19.00
CA ASN A 39 29.71 -17.54 19.70
C ASN A 39 29.21 -17.80 21.10
N GLU A 40 28.58 -18.96 21.28
CA GLU A 40 28.22 -19.52 22.59
C GLU A 40 28.92 -20.86 22.75
N SER A 41 30.19 -20.91 22.32
CA SER A 41 30.99 -22.15 22.24
C SER A 41 31.79 -22.42 23.51
N GLY A 42 31.85 -21.45 24.41
CA GLY A 42 32.67 -21.52 25.59
C GLY A 42 34.12 -21.09 25.35
N LYS A 43 34.54 -20.94 24.11
CA LYS A 43 35.89 -20.50 23.85
C LYS A 43 35.97 -19.24 23.00
N THR A 44 37.14 -18.62 23.02
CA THR A 44 37.38 -17.41 22.26
C THR A 44 37.83 -17.72 20.85
N TRP A 45 37.23 -17.04 19.89
CA TRP A 45 37.65 -17.19 18.51
C TRP A 45 38.55 -16.04 18.09
N THR A 46 39.58 -16.36 17.31
CA THR A 46 40.47 -15.37 16.70
C THR A 46 40.52 -15.52 15.22
N ALA A 47 40.35 -14.40 14.53
CA ALA A 47 40.14 -14.42 13.09
C ALA A 47 41.40 -14.82 12.38
N MET A 48 41.24 -15.57 11.30
CA MET A 48 42.35 -15.83 10.45
C MET A 48 42.14 -15.08 9.15
N ASN A 49 41.13 -15.49 8.39
CA ASN A 49 40.91 -14.86 7.09
C ASN A 49 39.63 -15.29 6.41
N THR A 50 39.32 -14.58 5.32
CA THR A 50 38.20 -14.92 4.44
C THR A 50 38.71 -15.16 3.02
N TYR A 51 38.54 -16.37 2.52
CA TYR A 51 38.89 -16.65 1.14
C TYR A 51 37.67 -16.44 0.29
N PHE A 52 37.74 -15.44 -0.58
CA PHE A 52 36.67 -15.20 -1.55
C PHE A 52 37.00 -15.96 -2.82
N ARG A 53 36.15 -16.91 -3.15
CA ARG A 53 36.17 -17.54 -4.45
C ARG A 53 35.58 -16.62 -5.51
N SER A 54 34.60 -15.83 -5.09
CA SER A 54 34.01 -14.78 -5.92
C SER A 54 33.73 -13.58 -5.05
N GLY A 55 33.87 -12.38 -5.63
CA GLY A 55 33.63 -11.13 -4.90
C GLY A 55 34.65 -10.75 -3.83
N THR A 56 34.21 -9.85 -2.95
CA THR A 56 35.10 -9.12 -2.09
C THR A 56 34.36 -8.64 -0.85
N SER A 57 35.08 -7.92 0.00
CA SER A 57 34.54 -7.22 1.16
C SER A 57 35.15 -5.83 1.27
N ASP A 58 34.47 -4.95 2.01
CA ASP A 58 34.96 -3.62 2.23
C ASP A 58 35.32 -3.37 3.66
N ILE A 59 35.27 -4.39 4.50
CA ILE A 59 35.54 -4.18 5.90
C ILE A 59 36.56 -5.16 6.45
N VAL A 60 37.09 -4.83 7.62
CA VAL A 60 37.91 -5.76 8.39
C VAL A 60 37.12 -6.94 8.98
N LEU A 61 37.75 -8.11 8.96
CA LEU A 61 37.20 -9.28 9.61
C LEU A 61 37.46 -9.20 11.10
N PRO A 62 36.40 -9.07 11.92
CA PRO A 62 36.63 -8.86 13.35
C PRO A 62 37.67 -9.84 13.95
N HIS A 63 38.69 -9.30 14.58
CA HIS A 63 39.78 -10.12 15.10
C HIS A 63 39.36 -11.01 16.28
N LYS A 64 38.78 -10.48 17.35
CA LYS A 64 38.36 -11.33 18.48
C LYS A 64 36.87 -11.45 18.55
N VAL A 65 36.42 -12.54 19.18
CA VAL A 65 35.02 -12.75 19.43
C VAL A 65 34.94 -13.60 20.68
N ALA A 66 34.59 -13.04 21.85
CA ALA A 66 34.60 -13.83 23.10
C ALA A 66 33.41 -14.83 23.25
N HIS A 67 33.41 -15.67 24.31
CA HIS A 67 32.18 -16.41 24.69
C HIS A 67 31.06 -15.38 24.84
N GLY A 68 29.88 -15.72 24.33
CA GLY A 68 28.73 -14.89 24.50
C GLY A 68 28.75 -13.62 23.69
N LYS A 69 29.51 -13.58 22.60
CA LYS A 69 29.48 -12.42 21.69
C LYS A 69 29.29 -12.86 20.26
N ALA A 70 28.99 -11.90 19.40
CA ALA A 70 28.66 -12.22 18.03
C ALA A 70 29.61 -11.54 17.09
N LEU A 71 29.84 -12.18 15.96
CA LEU A 71 30.75 -11.64 15.01
C LEU A 71 29.91 -11.17 13.85
N LEU A 72 30.22 -9.99 13.32
CA LEU A 72 29.53 -9.48 12.16
C LEU A 72 30.50 -9.18 11.07
N TYR A 73 30.25 -9.70 9.89
CA TYR A 73 31.11 -9.46 8.77
C TYR A 73 30.19 -9.36 7.61
N ASN A 74 30.66 -8.84 6.48
CA ASN A 74 29.90 -8.93 5.24
C ASN A 74 30.78 -8.75 4.03
N GLY A 75 30.19 -9.00 2.87
CA GLY A 75 30.87 -8.88 1.59
C GLY A 75 29.89 -8.62 0.50
N GLN A 76 30.35 -8.65 -0.75
CA GLN A 76 29.49 -8.36 -1.89
C GLN A 76 30.24 -8.63 -3.19
N LYS A 77 29.53 -8.77 -4.31
CA LYS A 77 30.18 -9.11 -5.57
C LYS A 77 31.00 -7.95 -6.03
N ASN A 78 31.86 -8.21 -7.00
CA ASN A 78 32.77 -7.18 -7.49
C ASN A 78 31.99 -6.09 -8.17
N ARG A 79 32.43 -4.85 -7.96
CA ARG A 79 31.83 -3.71 -8.65
C ARG A 79 31.96 -3.79 -10.17
N GLY A 80 31.02 -3.22 -10.88
CA GLY A 80 31.07 -3.19 -12.32
C GLY A 80 30.16 -4.23 -12.95
N PRO A 81 30.15 -4.29 -14.30
CA PRO A 81 29.22 -5.14 -15.01
C PRO A 81 29.70 -6.58 -15.15
N VAL A 82 30.36 -7.11 -14.14
CA VAL A 82 30.71 -8.53 -14.16
C VAL A 82 29.50 -9.37 -13.80
N ALA A 83 29.49 -10.61 -14.24
CA ALA A 83 28.48 -11.57 -13.88
C ALA A 83 29.07 -12.58 -12.89
N THR A 84 29.56 -12.08 -11.77
CA THR A 84 30.09 -12.92 -10.72
C THR A 84 29.31 -12.58 -9.47
N GLY A 85 29.34 -13.49 -8.51
CA GLY A 85 28.66 -13.28 -7.25
C GLY A 85 29.59 -12.99 -6.08
N VAL A 86 29.19 -13.50 -4.91
CA VAL A 86 29.96 -13.43 -3.68
C VAL A 86 29.94 -14.79 -2.99
N VAL A 87 31.13 -15.39 -2.88
CA VAL A 87 31.30 -16.79 -2.56
C VAL A 87 32.61 -16.98 -1.84
N GLY A 88 32.60 -17.66 -0.70
CA GLY A 88 33.83 -17.86 0.02
C GLY A 88 33.69 -18.49 1.37
N VAL A 89 34.83 -18.52 2.09
CA VAL A 89 34.92 -19.21 3.35
C VAL A 89 35.59 -18.36 4.39
N ILE A 90 35.01 -18.36 5.59
CA ILE A 90 35.53 -17.61 6.70
C ILE A 90 36.14 -18.56 7.68
N ALA A 91 37.39 -18.34 8.07
CA ALA A 91 38.08 -19.22 9.00
C ALA A 91 38.47 -18.51 10.27
N TYR A 92 38.00 -19.01 11.41
CA TYR A 92 38.42 -18.52 12.72
C TYR A 92 39.12 -19.61 13.48
N SER A 93 40.22 -19.28 14.14
CA SER A 93 40.88 -20.23 15.04
C SER A 93 40.17 -20.12 16.40
N MET A 94 40.07 -21.22 17.12
CA MET A 94 39.36 -21.26 18.37
C MET A 94 40.36 -21.59 19.42
N SER A 95 40.08 -21.20 20.66
CA SER A 95 41.08 -21.31 21.71
C SER A 95 41.39 -22.77 22.08
N ASP A 96 40.66 -23.75 21.54
CA ASP A 96 40.99 -25.16 21.73
C ASP A 96 42.01 -25.69 20.72
N GLY A 97 42.54 -24.82 19.86
CA GLY A 97 43.51 -25.23 18.85
C GLY A 97 42.94 -25.56 17.48
N ASN A 98 41.63 -25.56 17.33
CA ASN A 98 40.98 -25.90 16.05
C ASN A 98 40.40 -24.70 15.30
N THR A 99 39.96 -24.95 14.08
CA THR A 99 39.38 -23.93 13.21
C THR A 99 37.88 -24.06 12.95
N LEU A 100 37.13 -23.00 13.22
CA LEU A 100 35.73 -22.88 12.80
C LEU A 100 35.70 -22.30 11.39
N ALA A 101 35.14 -23.02 10.42
CA ALA A 101 35.10 -22.57 9.04
C ALA A 101 33.66 -22.41 8.61
N VAL A 102 33.39 -21.41 7.78
CA VAL A 102 32.01 -21.11 7.36
C VAL A 102 31.96 -20.74 5.89
N LEU A 103 31.21 -21.52 5.13
CA LEU A 103 31.02 -21.28 3.69
C LEU A 103 29.78 -20.44 3.44
N PHE A 104 29.85 -19.62 2.39
CA PHE A 104 28.68 -18.89 1.88
C PHE A 104 28.79 -18.84 0.36
N SER A 105 27.66 -18.96 -0.33
CA SER A 105 27.65 -18.84 -1.77
C SER A 105 26.37 -18.10 -2.20
N VAL A 106 26.57 -16.97 -2.85
CA VAL A 106 25.48 -16.14 -3.34
C VAL A 106 25.82 -15.83 -4.79
N PRO A 107 25.34 -16.66 -5.72
CA PRO A 107 25.77 -16.59 -7.09
C PRO A 107 25.12 -15.50 -7.88
N TYR A 108 25.73 -15.16 -9.00
CA TYR A 108 25.12 -14.21 -9.92
C TYR A 108 23.93 -14.83 -10.62
N ASP A 109 24.14 -15.94 -11.33
CA ASP A 109 23.12 -16.51 -12.23
C ASP A 109 22.22 -17.55 -11.55
N TYR A 110 21.09 -17.11 -11.02
CA TYR A 110 20.19 -18.00 -10.31
C TYR A 110 19.52 -19.03 -11.19
N ASN A 111 19.64 -18.90 -12.51
CA ASN A 111 19.19 -19.95 -13.41
C ASN A 111 19.96 -21.21 -13.16
N TRP A 112 21.26 -21.08 -13.02
CA TRP A 112 22.16 -22.21 -12.92
C TRP A 112 22.54 -22.56 -11.46
N TYR A 113 22.40 -21.63 -10.52
CA TYR A 113 22.92 -21.85 -9.17
C TYR A 113 21.98 -21.35 -8.08
N SER A 114 22.26 -21.72 -6.84
CA SER A 114 21.49 -21.31 -5.67
C SER A 114 22.39 -20.76 -4.61
N ASN A 115 21.79 -20.19 -3.58
CA ASN A 115 22.52 -19.89 -2.35
C ASN A 115 22.84 -21.17 -1.58
N TRP A 116 24.02 -21.22 -0.98
CA TRP A 116 24.44 -22.35 -0.16
C TRP A 116 25.25 -21.84 1.03
N TRP A 117 25.26 -22.59 2.13
CA TRP A 117 26.18 -22.35 3.23
C TRP A 117 26.66 -23.62 3.91
N ASN A 118 27.71 -23.51 4.71
CA ASN A 118 28.21 -24.65 5.49
C ASN A 118 28.99 -24.23 6.71
N VAL A 119 29.08 -25.12 7.69
CA VAL A 119 29.86 -24.89 8.91
C VAL A 119 30.57 -26.16 9.29
N ARG A 120 31.85 -26.06 9.52
CA ARG A 120 32.64 -27.24 9.82
C ARG A 120 33.69 -26.86 10.82
N VAL A 121 34.10 -27.83 11.61
CA VAL A 121 35.25 -27.64 12.50
C VAL A 121 36.38 -28.55 12.04
N TYR A 122 37.42 -27.91 11.47
CA TYR A 122 38.63 -28.55 11.05
C TYR A 122 39.61 -28.61 12.22
N LYS A 123 40.45 -29.64 12.23
CA LYS A 123 41.45 -29.81 13.28
C LYS A 123 42.69 -28.96 13.00
N GLY A 124 43.09 -28.18 14.00
CA GLY A 124 44.21 -27.29 13.86
C GLY A 124 43.87 -25.95 13.24
N GLN A 125 44.92 -25.13 13.04
CA GLN A 125 44.86 -23.82 12.37
C GLN A 125 44.86 -24.01 10.88
N LYS A 126 43.78 -23.69 10.21
CA LYS A 126 43.75 -23.82 8.76
C LYS A 126 43.18 -22.55 8.19
N ARG A 127 43.97 -21.87 7.41
CA ARG A 127 43.46 -20.70 6.72
C ARG A 127 42.50 -21.17 5.64
N ALA A 128 41.53 -20.34 5.32
CA ALA A 128 40.63 -20.65 4.25
C ALA A 128 41.39 -20.51 2.96
N ASP A 129 40.97 -21.28 1.96
CA ASP A 129 41.54 -21.22 0.60
C ASP A 129 40.71 -22.05 -0.36
N GLN A 130 41.10 -22.01 -1.64
CA GLN A 130 40.38 -22.73 -2.70
C GLN A 130 40.08 -24.19 -2.34
N ARG A 131 40.98 -24.86 -1.63
CA ARG A 131 40.72 -26.25 -1.28
C ARG A 131 39.63 -26.27 -0.23
N MET A 132 39.80 -25.54 0.86
CA MET A 132 38.78 -25.54 1.92
C MET A 132 37.38 -25.20 1.38
N TYR A 133 37.34 -24.31 0.38
CA TYR A 133 36.06 -23.95 -0.24
C TYR A 133 35.49 -25.10 -1.02
N GLU A 134 36.30 -25.69 -1.90
CA GLU A 134 35.91 -26.89 -2.66
C GLU A 134 35.41 -28.03 -1.80
N GLU A 135 36.01 -28.23 -0.62
CA GLU A 135 35.56 -29.26 0.29
C GLU A 135 34.18 -28.91 0.81
N LEU A 136 34.06 -27.75 1.43
CA LEU A 136 32.79 -27.35 2.04
C LEU A 136 31.67 -27.17 1.05
N TYR A 137 31.99 -26.85 -0.19
CA TYR A 137 30.98 -26.63 -1.21
C TYR A 137 30.55 -27.89 -1.90
N TYR A 138 31.52 -28.69 -2.35
CA TYR A 138 31.21 -29.85 -3.19
C TYR A 138 31.09 -31.16 -2.45
N HIS A 139 31.79 -31.30 -1.32
CA HIS A 139 31.97 -32.63 -0.70
C HIS A 139 31.58 -32.74 0.79
N ARG A 140 30.93 -31.76 1.39
CA ARG A 140 30.62 -31.92 2.83
C ARG A 140 29.19 -31.57 3.17
N SER A 141 28.29 -31.98 2.30
CA SER A 141 26.87 -31.84 2.58
C SER A 141 26.56 -30.43 3.06
N PRO A 142 26.73 -29.44 2.17
CA PRO A 142 26.37 -28.12 2.52
C PRO A 142 24.86 -27.91 2.47
N PHE A 143 24.38 -27.02 3.33
CA PHE A 143 22.99 -26.64 3.39
C PHE A 143 22.63 -25.64 2.32
N ARG A 144 21.39 -25.71 1.86
CA ARG A 144 20.90 -24.75 0.91
C ARG A 144 20.48 -23.47 1.61
N GLY A 145 20.58 -22.36 0.87
CA GLY A 145 20.00 -21.09 1.30
C GLY A 145 18.56 -21.15 0.92
N ASP A 146 17.76 -21.85 1.74
CA ASP A 146 16.40 -22.33 1.39
C ASP A 146 15.35 -21.76 2.33
N ASN A 147 15.71 -20.69 3.03
CA ASN A 147 14.83 -20.06 4.00
C ASN A 147 14.42 -20.99 5.13
N GLY A 148 15.35 -21.85 5.54
CA GLY A 148 15.12 -22.80 6.62
C GLY A 148 16.24 -22.86 7.63
N TRP A 149 15.88 -23.22 8.86
CA TRP A 149 16.86 -23.47 9.91
C TRP A 149 17.38 -24.89 9.73
N HIS A 150 18.67 -25.09 10.01
CA HIS A 150 19.31 -26.41 9.94
C HIS A 150 20.27 -26.55 11.10
N SER A 151 20.01 -27.49 11.99
CA SER A 151 20.99 -27.85 13.04
C SER A 151 21.99 -28.94 12.57
N ARG A 152 23.16 -28.98 13.21
CA ARG A 152 24.21 -29.97 12.91
C ARG A 152 25.33 -29.98 13.94
N GLY A 153 25.62 -31.18 14.48
CA GLY A 153 26.79 -31.35 15.36
C GLY A 153 28.11 -31.14 14.64
N LEU A 154 29.06 -30.50 15.31
CA LEU A 154 30.32 -30.12 14.67
C LEU A 154 31.50 -30.97 15.11
N GLY A 155 31.26 -31.84 16.11
CA GLY A 155 32.30 -32.51 16.87
C GLY A 155 32.87 -31.54 17.88
N TYR A 156 33.87 -31.98 18.64
CA TYR A 156 34.61 -31.11 19.57
C TYR A 156 33.71 -30.47 20.60
N GLY A 157 32.64 -31.18 20.94
CA GLY A 157 31.68 -30.71 21.94
C GLY A 157 30.86 -29.50 21.52
N LEU A 158 30.66 -29.35 20.21
CA LEU A 158 30.00 -28.20 19.60
C LEU A 158 28.96 -28.57 18.54
N LYS A 159 27.87 -27.78 18.52
CA LYS A 159 26.88 -27.88 17.46
C LYS A 159 26.60 -26.51 16.83
N SER A 160 26.18 -26.57 15.57
CA SER A 160 25.72 -25.42 14.81
C SER A 160 24.21 -25.41 14.71
N ARG A 161 23.65 -24.25 14.41
CA ARG A 161 22.26 -24.09 14.05
C ARG A 161 22.16 -22.80 13.27
N GLY A 162 21.81 -22.89 11.99
CA GLY A 162 21.94 -21.74 11.11
C GLY A 162 20.83 -21.58 10.11
N PHE A 163 20.67 -20.35 9.61
CA PHE A 163 19.62 -19.98 8.66
C PHE A 163 20.24 -19.18 7.52
N MET A 164 19.78 -19.39 6.30
CA MET A 164 20.16 -18.54 5.16
C MET A 164 18.97 -18.41 4.21
N ASN A 165 18.66 -17.17 3.85
CA ASN A 165 17.57 -16.90 2.94
C ASN A 165 17.99 -17.18 1.51
N SER A 166 17.04 -17.07 0.60
CA SER A 166 17.23 -17.54 -0.77
C SER A 166 17.52 -16.48 -1.80
N SER A 167 17.57 -15.21 -1.40
CA SER A 167 17.70 -14.09 -2.35
C SER A 167 19.14 -13.64 -2.60
N GLY A 168 19.29 -12.72 -3.54
CA GLY A 168 20.58 -12.07 -3.79
C GLY A 168 21.05 -11.15 -2.68
N HIS A 169 20.13 -10.73 -1.82
CA HIS A 169 20.43 -9.93 -0.64
C HIS A 169 20.44 -10.86 0.57
N ALA A 170 21.47 -11.72 0.55
CA ALA A 170 21.54 -12.85 1.43
C ALA A 170 21.90 -12.45 2.84
N ILE A 171 21.32 -13.11 3.84
CA ILE A 171 21.94 -13.16 5.17
C ILE A 171 22.09 -14.57 5.70
N LEU A 172 23.18 -14.77 6.43
CA LEU A 172 23.54 -16.04 7.00
C LEU A 172 23.66 -15.83 8.49
N GLU A 173 22.73 -16.37 9.26
CA GLU A 173 22.81 -16.29 10.70
C GLU A 173 23.13 -17.69 11.22
N ILE A 174 24.17 -17.80 12.04
CA ILE A 174 24.60 -19.09 12.62
C ILE A 174 24.85 -18.96 14.10
N HIS A 175 24.37 -19.91 14.89
CA HIS A 175 24.66 -19.97 16.33
C HIS A 175 25.50 -21.19 16.60
N VAL A 176 26.58 -21.01 17.35
CA VAL A 176 27.47 -22.11 17.69
C VAL A 176 27.42 -22.28 19.18
N THR A 177 26.88 -23.41 19.61
CA THR A 177 26.66 -23.69 21.03
C THR A 177 27.30 -25.00 21.45
N LYS A 178 27.44 -25.15 22.76
CA LYS A 178 27.98 -26.35 23.31
C LYS A 178 26.99 -27.46 23.08
N ALA A 179 27.38 -28.45 22.32
CA ALA A 179 26.55 -29.63 22.08
C ALA A 179 26.29 -30.32 23.42
N VAL B 4 15.42 2.43 -47.92
CA VAL B 4 16.84 2.36 -47.50
C VAL B 4 16.90 1.69 -46.14
N ALA B 5 18.01 1.00 -45.87
CA ALA B 5 18.23 0.31 -44.58
C ALA B 5 18.32 1.27 -43.40
N GLY B 6 18.36 2.57 -43.68
CA GLY B 6 18.05 3.59 -42.68
C GLY B 6 16.79 3.31 -41.83
N ALA B 7 15.74 2.78 -42.46
CA ALA B 7 14.49 2.49 -41.75
C ALA B 7 14.59 1.25 -40.88
N VAL B 8 15.55 0.37 -41.18
CA VAL B 8 15.82 -0.81 -40.34
C VAL B 8 16.48 -0.41 -39.02
N ILE B 9 17.40 0.56 -39.13
CA ILE B 9 18.13 1.10 -37.97
C ILE B 9 17.16 1.79 -36.97
N ASP B 10 16.18 2.52 -37.49
CA ASP B 10 15.15 3.17 -36.66
C ASP B 10 14.14 2.18 -36.14
N GLY B 11 13.79 1.19 -36.96
CA GLY B 11 12.93 0.11 -36.54
C GLY B 11 13.53 -0.58 -35.35
N ALA B 12 14.83 -0.89 -35.44
CA ALA B 12 15.57 -1.46 -34.32
C ALA B 12 15.52 -0.54 -33.11
N GLY B 13 15.70 0.75 -33.35
CA GLY B 13 15.69 1.78 -32.30
C GLY B 13 14.38 1.86 -31.56
N LEU B 14 13.31 2.04 -32.31
CA LEU B 14 11.99 2.01 -31.74
C LEU B 14 11.82 0.68 -31.04
N GLY B 15 12.04 -0.40 -31.76
CA GLY B 15 11.90 -1.75 -31.20
C GLY B 15 12.61 -1.93 -29.87
N PHE B 16 13.78 -1.31 -29.76
CA PHE B 16 14.57 -1.37 -28.52
C PHE B 16 13.96 -0.54 -27.38
N ASP B 17 13.47 0.66 -27.70
CA ASP B 17 12.76 1.52 -26.71
C ASP B 17 11.44 0.92 -26.24
N VAL B 18 10.73 0.22 -27.13
CA VAL B 18 9.57 -0.56 -26.72
C VAL B 18 10.02 -1.54 -25.67
N LEU B 19 11.03 -2.33 -26.03
CA LEU B 19 11.44 -3.41 -25.16
C LEU B 19 11.71 -2.91 -23.75
N LYS B 20 12.49 -1.85 -23.61
CA LYS B 20 12.90 -1.47 -22.27
C LYS B 20 11.77 -0.81 -21.49
N THR B 21 10.97 0.01 -22.15
CA THR B 21 9.73 0.47 -21.52
C THR B 21 8.93 -0.71 -20.90
N VAL B 22 8.78 -1.80 -21.65
CA VAL B 22 8.03 -2.94 -21.16
C VAL B 22 8.78 -3.61 -20.01
N LEU B 23 10.10 -3.73 -20.10
CA LEU B 23 10.86 -4.40 -19.04
C LEU B 23 10.91 -3.55 -17.78
N GLU B 24 11.10 -2.25 -17.89
CA GLU B 24 11.04 -1.34 -16.72
C GLU B 24 9.67 -1.33 -16.05
N ALA B 25 8.62 -1.57 -16.84
CA ALA B 25 7.27 -1.67 -16.31
C ALA B 25 7.14 -2.90 -15.45
N LEU B 26 7.35 -4.07 -16.05
CA LEU B 26 7.24 -5.34 -15.32
C LEU B 26 8.17 -5.39 -14.11
N GLY B 27 9.30 -4.67 -14.23
CA GLY B 27 10.24 -4.48 -13.14
C GLY B 27 9.62 -3.72 -11.97
N ASN B 28 8.69 -2.80 -12.24
CA ASN B 28 8.06 -2.06 -11.17
C ASN B 28 6.88 -2.68 -10.50
N VAL B 29 6.31 -3.73 -11.08
CA VAL B 29 5.20 -4.40 -10.43
C VAL B 29 5.76 -5.03 -9.19
N LYS B 30 5.16 -4.72 -8.06
CA LYS B 30 5.58 -5.29 -6.80
C LYS B 30 4.49 -6.23 -6.30
N ARG B 31 4.90 -7.38 -5.80
CA ARG B 31 4.00 -8.27 -5.11
C ARG B 31 4.69 -8.58 -3.83
N LYS B 32 4.03 -8.36 -2.70
CA LYS B 32 4.67 -8.67 -1.45
C LYS B 32 3.72 -9.07 -0.35
N ILE B 33 4.27 -9.62 0.71
CA ILE B 33 3.46 -10.05 1.81
C ILE B 33 4.10 -9.82 3.15
N ALA B 34 3.37 -9.15 4.03
CA ALA B 34 3.75 -9.02 5.42
C ALA B 34 2.92 -10.04 6.16
N VAL B 35 3.54 -10.81 7.04
CA VAL B 35 2.83 -11.82 7.79
C VAL B 35 3.04 -11.57 9.24
N GLY B 36 1.96 -11.60 10.00
CA GLY B 36 2.03 -11.43 11.44
C GLY B 36 1.12 -12.47 12.04
N ILE B 37 1.69 -13.34 12.86
CA ILE B 37 0.95 -14.37 13.54
C ILE B 37 1.12 -14.21 15.02
N ASP B 38 0.01 -14.21 15.73
CA ASP B 38 0.01 -14.02 17.17
C ASP B 38 -0.14 -15.39 17.87
N ASN B 39 0.86 -15.74 18.65
CA ASN B 39 0.83 -17.01 19.35
C ASN B 39 0.22 -16.82 20.72
N GLU B 40 -1.05 -17.22 20.83
CA GLU B 40 -1.76 -17.35 22.10
C GLU B 40 -2.20 -18.80 22.27
N SER B 41 -1.31 -19.73 21.90
CA SER B 41 -1.59 -21.16 21.83
C SER B 41 -1.28 -21.92 23.12
N GLY B 42 -0.60 -21.24 24.05
CA GLY B 42 -0.14 -21.85 25.26
C GLY B 42 1.18 -22.57 25.12
N LYS B 43 1.66 -22.79 23.90
CA LYS B 43 2.98 -23.40 23.70
C LYS B 43 3.96 -22.57 22.90
N THR B 44 5.23 -22.95 22.99
CA THR B 44 6.27 -22.28 22.27
C THR B 44 6.45 -22.82 20.86
N TRP B 45 6.52 -21.94 19.88
CA TRP B 45 6.79 -22.34 18.54
C TRP B 45 8.27 -22.15 18.21
N THR B 46 8.82 -23.10 17.47
CA THR B 46 10.17 -22.99 16.94
C THR B 46 10.17 -23.13 15.45
N ALA B 47 10.86 -22.23 14.78
CA ALA B 47 10.79 -22.12 13.36
C ALA B 47 11.44 -23.31 12.69
N MET B 48 10.85 -23.75 11.58
CA MET B 48 11.52 -24.71 10.75
C MET B 48 11.95 -24.03 9.47
N ASN B 49 11.00 -23.62 8.65
CA ASN B 49 11.35 -23.04 7.36
C ASN B 49 10.17 -22.43 6.62
N THR B 50 10.50 -21.73 5.53
CA THR B 50 9.51 -21.22 4.59
C THR B 50 9.79 -21.76 3.17
N TYR B 51 8.85 -22.54 2.64
CA TYR B 51 8.98 -22.99 1.28
C TYR B 51 8.29 -21.98 0.40
N PHE B 52 9.08 -21.31 -0.44
CA PHE B 52 8.54 -20.41 -1.46
C PHE B 52 8.29 -21.19 -2.76
N ARG B 53 7.03 -21.29 -3.16
CA ARG B 53 6.65 -21.78 -4.48
C ARG B 53 6.97 -20.73 -5.50
N SER B 54 6.85 -19.49 -5.09
CA SER B 54 7.19 -18.34 -5.92
C SER B 54 7.78 -17.26 -5.03
N GLY B 55 8.74 -16.51 -5.56
CA GLY B 55 9.43 -15.46 -4.81
C GLY B 55 10.38 -15.89 -3.70
N THR B 56 10.65 -14.94 -2.81
CA THR B 56 11.75 -15.01 -1.87
C THR B 56 11.48 -14.12 -0.67
N SER B 57 12.45 -14.10 0.24
CA SER B 57 12.45 -13.19 1.39
C SER B 57 13.85 -12.61 1.56
N ASP B 58 13.93 -11.51 2.28
CA ASP B 58 15.22 -10.92 2.57
C ASP B 58 15.58 -10.98 4.04
N ILE B 59 14.79 -11.66 4.84
CA ILE B 59 15.06 -11.65 6.25
C ILE B 59 15.06 -13.07 6.84
N VAL B 60 15.59 -13.17 8.05
CA VAL B 60 15.51 -14.39 8.85
C VAL B 60 14.10 -14.68 9.35
N LEU B 61 13.73 -15.96 9.32
CA LEU B 61 12.46 -16.43 9.88
C LEU B 61 12.64 -16.53 11.38
N PRO B 62 11.93 -15.71 12.15
CA PRO B 62 12.17 -15.71 13.60
C PRO B 62 12.19 -17.13 14.20
N HIS B 63 13.26 -17.45 14.90
CA HIS B 63 13.42 -18.77 15.45
C HIS B 63 12.44 -19.11 16.57
N LYS B 64 12.35 -18.32 17.63
CA LYS B 64 11.42 -18.61 18.73
C LYS B 64 10.29 -17.65 18.78
N VAL B 65 9.17 -18.11 19.33
CA VAL B 65 8.00 -17.30 19.50
C VAL B 65 7.28 -17.85 20.72
N ALA B 66 7.33 -17.19 21.87
CA ALA B 66 6.72 -17.77 23.10
C ALA B 66 5.18 -17.64 23.16
N HIS B 67 4.54 -18.21 24.20
CA HIS B 67 3.12 -17.88 24.50
C HIS B 67 3.02 -16.36 24.64
N GLY B 68 1.98 -15.78 24.07
CA GLY B 68 1.73 -14.38 24.20
C GLY B 68 2.67 -13.50 23.42
N LYS B 69 3.30 -14.01 22.37
CA LYS B 69 4.15 -13.19 21.51
C LYS B 69 3.80 -13.39 20.05
N ALA B 70 4.30 -12.49 19.22
CA ALA B 70 3.90 -12.48 17.82
C ALA B 70 5.08 -12.70 16.94
N LEU B 71 4.86 -13.33 15.81
CA LEU B 71 5.92 -13.58 14.89
C LEU B 71 5.71 -12.67 13.71
N LEU B 72 6.78 -12.04 13.23
CA LEU B 72 6.70 -11.19 12.04
C LEU B 72 7.67 -11.66 11.01
N TYR B 73 7.20 -11.86 9.81
CA TYR B 73 8.04 -12.30 8.75
C TYR B 73 7.50 -11.60 7.55
N ASN B 74 8.25 -11.59 6.46
CA ASN B 74 7.71 -11.16 5.19
C ASN B 74 8.53 -11.66 4.04
N GLY B 75 8.02 -11.42 2.84
CA GLY B 75 8.68 -11.83 1.60
C GLY B 75 8.21 -10.97 0.45
N GLN B 76 8.57 -11.35 -0.76
CA GLN B 76 8.21 -10.58 -1.93
C GLN B 76 8.60 -11.33 -3.20
N LYS B 77 8.07 -10.96 -4.36
CA LYS B 77 8.40 -11.66 -5.60
C LYS B 77 9.85 -11.44 -5.98
N ASN B 78 10.34 -12.25 -6.91
CA ASN B 78 11.74 -12.13 -7.34
C ASN B 78 12.01 -10.83 -8.06
N ARG B 79 13.18 -10.25 -7.79
CA ARG B 79 13.59 -9.00 -8.46
C ARG B 79 13.71 -9.17 -9.97
N GLY B 80 13.48 -8.10 -10.71
CA GLY B 80 13.58 -8.14 -12.17
C GLY B 80 12.24 -8.23 -12.85
N PRO B 81 12.26 -8.26 -14.19
CA PRO B 81 11.04 -8.25 -14.96
C PRO B 81 10.37 -9.62 -15.11
N VAL B 82 10.42 -10.47 -14.09
CA VAL B 82 9.67 -11.71 -14.13
C VAL B 82 8.20 -11.45 -13.83
N ALA B 83 7.33 -12.34 -14.31
CA ALA B 83 5.90 -12.27 -14.03
C ALA B 83 5.55 -13.38 -13.05
N THR B 84 6.20 -13.35 -11.91
CA THR B 84 5.94 -14.32 -10.85
C THR B 84 5.57 -13.52 -9.62
N GLY B 85 4.89 -14.17 -8.68
CA GLY B 85 4.50 -13.53 -7.44
C GLY B 85 5.30 -13.98 -6.24
N VAL B 86 4.60 -14.06 -5.11
CA VAL B 86 5.13 -14.53 -3.85
C VAL B 86 4.10 -15.48 -3.20
N VAL B 87 4.53 -16.73 -3.06
CA VAL B 87 3.64 -17.84 -2.77
C VAL B 87 4.39 -18.88 -2.01
N GLY B 88 3.83 -19.36 -0.90
CA GLY B 88 4.54 -20.35 -0.13
C GLY B 88 3.94 -20.70 1.21
N VAL B 89 4.70 -21.50 1.97
CA VAL B 89 4.22 -22.05 3.22
C VAL B 89 5.24 -21.90 4.33
N ILE B 90 4.77 -21.48 5.49
CA ILE B 90 5.59 -21.27 6.66
C ILE B 90 5.29 -22.36 7.66
N ALA B 91 6.33 -23.05 8.12
CA ALA B 91 6.17 -24.16 9.03
C ALA B 91 6.88 -23.92 10.33
N TYR B 92 6.13 -23.93 11.43
CA TYR B 92 6.71 -23.87 12.75
C TYR B 92 6.42 -25.15 13.50
N SER B 93 7.41 -25.67 14.21
CA SER B 93 7.17 -26.78 15.11
C SER B 93 6.65 -26.18 16.44
N MET B 94 5.77 -26.90 17.12
CA MET B 94 5.19 -26.42 18.36
C MET B 94 5.61 -27.38 19.46
N SER B 95 5.60 -26.90 20.69
CA SER B 95 6.19 -27.66 21.79
C SER B 95 5.39 -28.92 22.14
N ASP B 96 4.21 -29.09 21.54
CA ASP B 96 3.44 -30.32 21.70
C ASP B 96 3.86 -31.42 20.71
N GLY B 97 4.88 -31.17 19.90
CA GLY B 97 5.35 -32.15 18.92
C GLY B 97 4.80 -31.99 17.50
N ASN B 98 3.87 -31.06 17.31
CA ASN B 98 3.26 -30.88 15.99
C ASN B 98 3.73 -29.65 15.25
N THR B 99 3.29 -29.55 13.98
CA THR B 99 3.62 -28.41 13.09
C THR B 99 2.45 -27.46 12.77
N LEU B 100 2.64 -26.17 13.05
CA LEU B 100 1.75 -25.13 12.58
C LEU B 100 2.22 -24.72 11.20
N ALA B 101 1.36 -24.83 10.21
CA ALA B 101 1.72 -24.47 8.83
C ALA B 101 0.81 -23.34 8.35
N VAL B 102 1.34 -22.44 7.52
CA VAL B 102 0.58 -21.29 7.04
C VAL B 102 0.89 -20.99 5.59
N LEU B 103 -0.14 -21.03 4.76
CA LEU B 103 -0.03 -20.77 3.32
C LEU B 103 -0.30 -19.31 3.05
N PHE B 104 0.35 -18.79 2.03
CA PHE B 104 0.05 -17.47 1.48
C PHE B 104 0.23 -17.54 -0.04
N SER B 105 -0.61 -16.84 -0.78
CA SER B 105 -0.44 -16.74 -2.22
C SER B 105 -0.82 -15.32 -2.68
N VAL B 106 0.17 -14.65 -3.29
CA VAL B 106 0.00 -13.31 -3.80
C VAL B 106 0.52 -13.32 -5.23
N PRO B 107 -0.36 -13.57 -6.20
CA PRO B 107 0.09 -13.88 -7.55
C PRO B 107 0.41 -12.66 -8.35
N TYR B 108 1.16 -12.85 -9.43
CA TYR B 108 1.47 -11.76 -10.34
C TYR B 108 0.22 -11.37 -11.11
N ASP B 109 -0.37 -12.34 -11.84
CA ASP B 109 -1.45 -12.05 -12.80
C ASP B 109 -2.85 -12.18 -12.18
N TYR B 110 -3.36 -11.06 -11.67
CA TYR B 110 -4.67 -11.04 -11.06
C TYR B 110 -5.83 -11.30 -12.04
N ASN B 111 -5.58 -11.33 -13.35
CA ASN B 111 -6.57 -11.80 -14.32
C ASN B 111 -6.92 -13.25 -14.12
N TRP B 112 -5.89 -14.05 -13.90
CA TRP B 112 -6.04 -15.50 -13.77
C TRP B 112 -6.08 -16.00 -12.29
N TYR B 113 -5.60 -15.20 -11.33
CA TYR B 113 -5.47 -15.68 -9.95
C TYR B 113 -5.87 -14.64 -8.88
N SER B 114 -6.01 -15.10 -7.64
CA SER B 114 -6.36 -14.25 -6.50
C SER B 114 -5.40 -14.49 -5.38
N ASN B 115 -5.49 -13.65 -4.35
CA ASN B 115 -4.81 -13.92 -3.08
C ASN B 115 -5.53 -15.06 -2.34
N TRP B 116 -4.74 -15.90 -1.67
CA TRP B 116 -5.29 -16.99 -0.86
C TRP B 116 -4.44 -17.16 0.38
N TRP B 117 -5.03 -17.70 1.45
CA TRP B 117 -4.23 -18.15 2.59
C TRP B 117 -4.81 -19.41 3.25
N ASN B 118 -4.01 -20.06 4.10
CA ASN B 118 -4.48 -21.21 4.88
C ASN B 118 -3.71 -21.44 6.15
N VAL B 119 -4.31 -22.14 7.10
CA VAL B 119 -3.67 -22.49 8.36
C VAL B 119 -4.05 -23.90 8.71
N ARG B 120 -3.07 -24.73 9.00
CA ARG B 120 -3.34 -26.10 9.32
C ARG B 120 -2.39 -26.55 10.38
N VAL B 121 -2.81 -27.52 11.19
CA VAL B 121 -1.90 -28.17 12.12
C VAL B 121 -1.69 -29.62 11.69
N TYR B 122 -0.48 -29.89 11.19
CA TYR B 122 -0.03 -31.22 10.81
C TYR B 122 0.58 -31.93 12.02
N LYS B 123 0.47 -33.27 12.04
CA LYS B 123 1.01 -34.07 13.14
C LYS B 123 2.48 -34.33 12.94
N GLY B 124 3.26 -34.05 13.98
CA GLY B 124 4.71 -34.17 13.92
C GLY B 124 5.43 -32.98 13.34
N GLN B 125 6.75 -33.13 13.21
CA GLN B 125 7.66 -32.15 12.56
C GLN B 125 7.60 -32.31 11.06
N LYS B 126 7.08 -31.33 10.34
CA LYS B 126 7.02 -31.43 8.88
C LYS B 126 7.52 -30.14 8.33
N ARG B 127 8.61 -30.20 7.60
CA ARG B 127 9.09 -29.00 6.94
C ARG B 127 8.13 -28.67 5.79
N ALA B 128 8.03 -27.40 5.46
CA ALA B 128 7.22 -27.02 4.35
C ALA B 128 7.93 -27.46 3.10
N ASP B 129 7.15 -27.73 2.07
CA ASP B 129 7.64 -28.09 0.75
C ASP B 129 6.52 -28.11 -0.28
N GLN B 130 6.89 -28.36 -1.54
CA GLN B 130 5.94 -28.39 -2.66
C GLN B 130 4.68 -29.22 -2.36
N ARG B 131 4.82 -30.33 -1.63
CA ARG B 131 3.65 -31.15 -1.34
C ARG B 131 2.80 -30.40 -0.33
N MET B 132 3.38 -29.98 0.79
CA MET B 132 2.61 -29.25 1.79
C MET B 132 1.89 -28.01 1.20
N TYR B 133 2.52 -27.37 0.23
CA TYR B 133 1.91 -26.24 -0.44
C TYR B 133 0.72 -26.69 -1.27
N GLU B 134 0.94 -27.68 -2.13
CA GLU B 134 -0.15 -28.27 -2.95
C GLU B 134 -1.35 -28.76 -2.15
N GLU B 135 -1.12 -29.29 -0.95
CA GLU B 135 -2.21 -29.70 -0.09
C GLU B 135 -2.99 -28.47 0.37
N LEU B 136 -2.29 -27.55 1.02
CA LEU B 136 -2.95 -26.37 1.59
C LEU B 136 -3.59 -25.46 0.55
N TYR B 137 -3.06 -25.48 -0.68
CA TYR B 137 -3.58 -24.63 -1.73
C TYR B 137 -4.73 -25.27 -2.46
N TYR B 138 -4.57 -26.51 -2.90
CA TYR B 138 -5.56 -27.14 -3.79
C TYR B 138 -6.60 -27.99 -3.08
N HIS B 139 -6.27 -28.54 -1.92
CA HIS B 139 -7.08 -29.58 -1.33
C HIS B 139 -7.50 -29.36 0.14
N ARG B 140 -7.31 -28.21 0.75
CA ARG B 140 -7.72 -28.09 2.15
C ARG B 140 -8.52 -26.84 2.42
N SER B 141 -9.40 -26.50 1.49
CA SER B 141 -10.35 -25.41 1.70
C SER B 141 -9.64 -24.18 2.19
N PRO B 142 -8.78 -23.62 1.34
CA PRO B 142 -8.09 -22.42 1.73
C PRO B 142 -9.03 -21.23 1.62
N PHE B 143 -8.79 -20.23 2.48
CA PHE B 143 -9.52 -18.99 2.50
C PHE B 143 -9.02 -18.04 1.43
N ARG B 144 -9.93 -17.24 0.90
CA ARG B 144 -9.54 -16.24 -0.06
C ARG B 144 -8.97 -15.03 0.66
N GLY B 145 -8.09 -14.32 -0.03
CA GLY B 145 -7.63 -13.00 0.41
C GLY B 145 -8.72 -12.03 -0.05
N ASP B 146 -9.80 -11.96 0.72
CA ASP B 146 -11.06 -11.37 0.30
C ASP B 146 -11.47 -10.22 1.23
N ASN B 147 -10.50 -9.69 1.99
CA ASN B 147 -10.73 -8.59 2.91
C ASN B 147 -11.74 -8.96 3.99
N GLY B 148 -11.70 -10.22 4.42
CA GLY B 148 -12.58 -10.72 5.46
C GLY B 148 -11.87 -11.53 6.52
N TRP B 149 -12.45 -11.53 7.72
CA TRP B 149 -11.99 -12.37 8.81
C TRP B 149 -12.62 -13.77 8.63
N HIS B 150 -11.84 -14.81 8.94
CA HIS B 150 -12.27 -16.18 8.86
C HIS B 150 -11.75 -16.96 10.04
N SER B 151 -12.64 -17.48 10.87
CA SER B 151 -12.24 -18.39 11.96
C SER B 151 -12.24 -19.85 11.50
N ARG B 152 -11.44 -20.68 12.18
CA ARG B 152 -11.35 -22.13 11.91
C ARG B 152 -10.61 -22.94 13.00
N GLY B 153 -11.27 -23.97 13.53
CA GLY B 153 -10.64 -24.89 14.49
C GLY B 153 -9.53 -25.68 13.84
N LEU B 154 -8.45 -25.90 14.57
CA LEU B 154 -7.26 -26.51 13.97
C LEU B 154 -7.04 -27.94 14.43
N GLY B 155 -7.87 -28.37 15.39
CA GLY B 155 -7.61 -29.56 16.18
C GLY B 155 -6.56 -29.27 17.24
N TYR B 156 -6.19 -30.28 18.03
CA TYR B 156 -5.12 -30.19 19.02
C TYR B 156 -5.39 -29.08 20.03
N GLY B 157 -6.67 -28.83 20.33
CA GLY B 157 -7.06 -27.82 21.30
C GLY B 157 -6.74 -26.39 20.87
N LEU B 158 -6.72 -26.15 19.55
CA LEU B 158 -6.37 -24.86 18.96
C LEU B 158 -7.33 -24.38 17.86
N LYS B 159 -7.54 -23.06 17.79
CA LYS B 159 -8.26 -22.46 16.68
C LYS B 159 -7.46 -21.30 16.07
N SER B 160 -7.74 -21.04 14.79
CA SER B 160 -7.24 -19.90 14.05
C SER B 160 -8.33 -18.85 13.88
N ARG B 161 -7.89 -17.63 13.58
CA ARG B 161 -8.77 -16.55 13.15
C ARG B 161 -7.88 -15.57 12.41
N GLY B 162 -8.12 -15.40 11.12
CA GLY B 162 -7.18 -14.67 10.29
C GLY B 162 -7.82 -13.79 9.24
N PHE B 163 -7.06 -12.80 8.79
CA PHE B 163 -7.51 -11.80 7.80
C PHE B 163 -6.45 -11.68 6.71
N MET B 164 -6.87 -11.53 5.47
CA MET B 164 -5.95 -11.22 4.37
C MET B 164 -6.66 -10.31 3.37
N ASN B 165 -6.00 -9.21 3.04
CA ASN B 165 -6.51 -8.27 2.06
C ASN B 165 -6.34 -8.80 0.63
N SER B 166 -6.89 -8.06 -0.33
CA SER B 166 -6.99 -8.56 -1.68
C SER B 166 -5.97 -8.05 -2.64
N SER B 167 -5.08 -7.16 -2.21
CA SER B 167 -4.16 -6.44 -3.12
C SER B 167 -2.81 -7.10 -3.30
N GLY B 168 -1.99 -6.55 -4.19
CA GLY B 168 -0.60 -6.98 -4.37
C GLY B 168 0.30 -6.63 -3.22
N HIS B 169 -0.11 -5.69 -2.38
CA HIS B 169 0.61 -5.32 -1.17
C HIS B 169 -0.08 -5.98 0.00
N ALA B 170 0.06 -7.30 0.00
CA ALA B 170 -0.74 -8.15 0.85
C ALA B 170 -0.29 -8.11 2.29
N ILE B 171 -1.24 -8.15 3.25
CA ILE B 171 -0.90 -8.61 4.60
C ILE B 171 -1.82 -9.73 5.09
N LEU B 172 -1.21 -10.61 5.87
CA LEU B 172 -1.89 -11.77 6.42
C LEU B 172 -1.73 -11.67 7.92
N GLU B 173 -2.81 -11.39 8.63
CA GLU B 173 -2.78 -11.37 10.08
C GLU B 173 -3.55 -12.58 10.59
N ILE B 174 -2.92 -13.38 11.45
CA ILE B 174 -3.53 -14.58 12.00
C ILE B 174 -3.34 -14.65 13.51
N HIS B 175 -4.38 -15.01 14.24
CA HIS B 175 -4.28 -15.23 15.69
C HIS B 175 -4.53 -16.70 15.95
N VAL B 176 -3.66 -17.32 16.75
CA VAL B 176 -3.81 -18.72 17.11
C VAL B 176 -4.05 -18.84 18.60
N THR B 177 -5.24 -19.26 18.96
CA THR B 177 -5.67 -19.28 20.36
C THR B 177 -6.12 -20.67 20.77
N LYS B 178 -6.23 -20.86 22.08
CA LYS B 178 -6.74 -22.11 22.62
C LYS B 178 -8.22 -22.28 22.33
N ALA B 179 -8.54 -23.36 21.61
CA ALA B 179 -9.88 -23.95 21.44
C ALA B 179 -10.32 -24.82 22.62
N VAL C 4 7.68 6.23 -48.41
CA VAL C 4 8.62 5.19 -47.92
C VAL C 4 8.13 4.72 -46.56
N ALA C 5 8.39 3.45 -46.25
CA ALA C 5 8.03 2.83 -44.95
C ALA C 5 8.74 3.48 -43.75
N GLY C 6 9.69 4.38 -44.02
CA GLY C 6 10.17 5.34 -43.03
C GLY C 6 9.06 6.06 -42.25
N ALA C 7 7.96 6.40 -42.92
CA ALA C 7 6.85 7.07 -42.25
C ALA C 7 6.01 6.13 -41.40
N VAL C 8 6.07 4.83 -41.67
CA VAL C 8 5.39 3.82 -40.85
C VAL C 8 6.10 3.69 -39.50
N ILE C 9 7.44 3.72 -39.55
CA ILE C 9 8.29 3.60 -38.36
C ILE C 9 8.05 4.78 -37.40
N ASP C 10 7.89 5.98 -37.96
CA ASP C 10 7.58 7.18 -37.15
C ASP C 10 6.15 7.18 -36.68
N GLY C 11 5.24 6.70 -37.53
CA GLY C 11 3.84 6.56 -37.16
C GLY C 11 3.72 5.67 -35.94
N ALA C 12 4.44 4.55 -35.99
CA ALA C 12 4.54 3.64 -34.86
C ALA C 12 5.11 4.36 -33.64
N GLY C 13 6.18 5.13 -33.87
CA GLY C 13 6.84 5.88 -32.80
C GLY C 13 5.92 6.87 -32.11
N LEU C 14 5.31 7.73 -32.91
CA LEU C 14 4.34 8.67 -32.39
C LEU C 14 3.25 7.87 -31.70
N GLY C 15 2.67 6.92 -32.43
CA GLY C 15 1.62 6.06 -31.88
C GLY C 15 1.97 5.45 -30.53
N PHE C 16 3.23 5.07 -30.37
CA PHE C 16 3.72 4.49 -29.11
C PHE C 16 3.82 5.55 -27.98
N ASP C 17 4.33 6.74 -28.30
CA ASP C 17 4.40 7.85 -27.32
C ASP C 17 3.02 8.36 -26.91
N VAL C 18 2.06 8.36 -27.83
CA VAL C 18 0.67 8.63 -27.46
C VAL C 18 0.28 7.62 -26.42
N LEU C 19 0.46 6.35 -26.75
CA LEU C 19 -0.04 5.29 -25.90
C LEU C 19 0.46 5.47 -24.48
N LYS C 20 1.76 5.67 -24.30
CA LYS C 20 2.27 5.66 -22.93
C LYS C 20 1.89 6.93 -22.17
N THR C 21 1.91 8.09 -22.84
CA THR C 21 1.34 9.29 -22.23
C THR C 21 -0.06 9.03 -21.66
N VAL C 22 -0.90 8.36 -22.44
CA VAL C 22 -2.26 8.08 -21.99
C VAL C 22 -2.24 7.07 -20.85
N LEU C 23 -1.37 6.07 -20.91
CA LEU C 23 -1.33 5.05 -19.84
C LEU C 23 -0.74 5.61 -18.54
N GLU C 24 0.31 6.40 -18.62
CA GLU C 24 0.84 7.11 -17.44
C GLU C 24 -0.15 8.10 -16.83
N ALA C 25 -1.03 8.66 -17.66
CA ALA C 25 -2.08 9.54 -17.16
C ALA C 25 -3.06 8.74 -16.34
N LEU C 26 -3.70 7.76 -16.96
CA LEU C 26 -4.73 6.95 -16.29
C LEU C 26 -4.16 6.28 -15.04
N GLY C 27 -2.86 6.00 -15.10
CA GLY C 27 -2.12 5.48 -13.97
C GLY C 27 -2.12 6.45 -12.80
N ASN C 28 -2.08 7.75 -13.08
CA ASN C 28 -2.04 8.74 -12.01
C ASN C 28 -3.36 9.13 -11.39
N VAL C 29 -4.47 8.79 -12.04
CA VAL C 29 -5.76 9.10 -11.49
C VAL C 29 -5.88 8.26 -10.24
N LYS C 30 -6.15 8.91 -9.12
CA LYS C 30 -6.32 8.23 -7.85
C LYS C 30 -7.76 8.35 -7.43
N ARG C 31 -8.31 7.26 -6.96
CA ARG C 31 -9.60 7.27 -6.35
C ARG C 31 -9.39 6.57 -5.05
N LYS C 32 -9.75 7.19 -3.94
CA LYS C 32 -9.59 6.52 -2.67
C LYS C 32 -10.61 6.93 -1.64
N ILE C 33 -10.68 6.15 -0.58
CA ILE C 33 -11.64 6.42 0.45
C ILE C 33 -11.09 6.14 1.82
N ALA C 34 -11.21 7.15 2.70
CA ALA C 34 -10.92 7.00 4.11
C ALA C 34 -12.26 6.86 4.77
N VAL C 35 -12.41 5.88 5.64
CA VAL C 35 -13.65 5.67 6.33
C VAL C 35 -13.39 5.72 7.79
N GLY C 36 -14.20 6.49 8.49
CA GLY C 36 -14.11 6.60 9.94
C GLY C 36 -15.53 6.50 10.48
N ILE C 37 -15.79 5.48 11.29
CA ILE C 37 -17.07 5.29 11.89
C ILE C 37 -16.93 5.31 13.40
N ASP C 38 -17.75 6.11 14.05
CA ASP C 38 -17.70 6.26 15.48
C ASP C 38 -18.80 5.41 16.12
N ASN C 39 -18.39 4.44 16.92
CA ASN C 39 -19.33 3.57 17.61
C ASN C 39 -19.71 4.15 18.96
N GLU C 40 -20.89 4.75 19.01
CA GLU C 40 -21.55 5.18 20.25
C GLU C 40 -22.89 4.47 20.35
N SER C 41 -22.88 3.18 20.01
CA SER C 41 -24.09 2.37 19.89
C SER C 41 -24.46 1.64 21.16
N GLY C 42 -23.56 1.68 22.12
CA GLY C 42 -23.72 0.94 23.35
C GLY C 42 -23.21 -0.50 23.24
N LYS C 43 -22.96 -1.02 22.04
CA LYS C 43 -22.48 -2.40 21.90
C LYS C 43 -21.16 -2.49 21.17
N THR C 44 -20.53 -3.64 21.30
CA THR C 44 -19.29 -3.91 20.65
C THR C 44 -19.47 -4.46 19.26
N TRP C 45 -18.74 -3.91 18.31
CA TRP C 45 -18.79 -4.41 16.96
C TRP C 45 -17.60 -5.32 16.70
N THR C 46 -17.84 -6.38 15.94
CA THR C 46 -16.80 -7.27 15.49
C THR C 46 -16.82 -7.40 13.99
N ALA C 47 -15.65 -7.27 13.38
CA ALA C 47 -15.56 -7.14 11.96
C ALA C 47 -15.90 -8.46 11.30
N MET C 48 -16.55 -8.36 10.15
CA MET C 48 -16.70 -9.52 9.33
C MET C 48 -15.84 -9.36 8.10
N ASN C 49 -16.19 -8.41 7.24
CA ASN C 49 -15.47 -8.28 5.97
C ASN C 49 -15.83 -7.06 5.18
N THR C 50 -15.05 -6.81 4.14
CA THR C 50 -15.32 -5.77 3.18
C THR C 50 -15.45 -6.34 1.77
N TYR C 51 -16.63 -6.22 1.17
CA TYR C 51 -16.79 -6.64 -0.21
C TYR C 51 -16.50 -5.46 -1.09
N PHE C 52 -15.43 -5.57 -1.88
CA PHE C 52 -15.13 -4.55 -2.89
C PHE C 52 -15.79 -4.97 -4.22
N ARG C 53 -16.72 -4.15 -4.67
CA ARG C 53 -17.24 -4.26 -6.00
C ARG C 53 -16.23 -3.74 -7.00
N SER C 54 -15.48 -2.74 -6.58
CA SER C 54 -14.38 -2.15 -7.35
C SER C 54 -13.25 -1.80 -6.39
N GLY C 55 -12.00 -1.94 -6.86
CA GLY C 55 -10.83 -1.66 -6.06
C GLY C 55 -10.53 -2.62 -4.90
N THR C 56 -9.70 -2.12 -3.99
CA THR C 56 -9.03 -2.95 -3.01
C THR C 56 -8.65 -2.11 -1.78
N SER C 57 -7.99 -2.77 -0.82
CA SER C 57 -7.40 -2.13 0.36
C SER C 57 -6.03 -2.70 0.62
N ASP C 58 -5.23 -1.97 1.39
CA ASP C 58 -3.92 -2.41 1.74
C ASP C 58 -3.77 -2.68 3.22
N ILE C 59 -4.85 -2.61 3.96
CA ILE C 59 -4.73 -2.80 5.39
C ILE C 59 -5.76 -3.79 5.91
N VAL C 60 -5.54 -4.23 7.16
CA VAL C 60 -6.51 -5.04 7.89
C VAL C 60 -7.75 -4.25 8.30
N LEU C 61 -8.91 -4.89 8.19
CA LEU C 61 -10.17 -4.31 8.68
C LEU C 61 -10.23 -4.51 10.20
N PRO C 62 -10.18 -3.42 10.98
CA PRO C 62 -10.09 -3.55 12.44
C PRO C 62 -11.10 -4.56 13.02
N HIS C 63 -10.60 -5.53 13.77
CA HIS C 63 -11.43 -6.61 14.29
C HIS C 63 -12.44 -6.14 15.34
N LYS C 64 -11.99 -5.48 16.41
CA LYS C 64 -12.93 -5.00 17.46
C LYS C 64 -13.07 -3.51 17.44
N VAL C 65 -14.19 -3.05 17.94
CA VAL C 65 -14.44 -1.63 18.08
C VAL C 65 -15.40 -1.49 19.25
N ALA C 66 -14.95 -1.05 20.42
CA ALA C 66 -15.84 -1.01 21.61
C ALA C 66 -16.84 0.17 21.61
N HIS C 67 -17.75 0.24 22.60
CA HIS C 67 -18.55 1.47 22.84
C HIS C 67 -17.55 2.61 22.99
N GLY C 68 -17.87 3.74 22.40
CA GLY C 68 -17.06 4.93 22.54
C GLY C 68 -15.72 4.87 21.83
N LYS C 69 -15.59 4.04 20.81
CA LYS C 69 -14.38 4.01 20.00
C LYS C 69 -14.70 4.10 18.53
N ALA C 70 -13.69 4.36 17.74
CA ALA C 70 -13.90 4.62 16.33
C ALA C 70 -13.15 3.63 15.51
N LEU C 71 -13.68 3.33 14.35
CA LEU C 71 -13.06 2.37 13.49
C LEU C 71 -12.50 3.15 12.34
N LEU C 72 -11.27 2.84 11.93
CA LEU C 72 -10.66 3.48 10.77
C LEU C 72 -10.24 2.44 9.78
N TYR C 73 -10.66 2.61 8.55
CA TYR C 73 -10.32 1.69 7.51
C TYR C 73 -10.14 2.56 6.31
N ASN C 74 -9.52 2.04 5.26
CA ASN C 74 -9.54 2.71 3.98
C ASN C 74 -9.23 1.73 2.84
N GLY C 75 -9.40 2.24 1.62
CA GLY C 75 -9.15 1.47 0.42
C GLY C 75 -8.83 2.41 -0.71
N GLN C 76 -8.74 1.89 -1.92
CA GLN C 76 -8.38 2.69 -3.07
C GLN C 76 -8.53 1.85 -4.35
N LYS C 77 -8.58 2.47 -5.52
CA LYS C 77 -8.82 1.74 -6.75
C LYS C 77 -7.63 0.88 -7.05
N ASN C 78 -7.79 -0.04 -7.99
CA ASN C 78 -6.70 -0.94 -8.35
C ASN C 78 -5.57 -0.22 -9.03
N ARG C 79 -4.33 -0.60 -8.71
CA ARG C 79 -3.15 0.03 -9.31
C ARG C 79 -3.09 -0.20 -10.80
N GLY C 80 -2.45 0.69 -11.51
CA GLY C 80 -2.33 0.56 -12.96
C GLY C 80 -3.33 1.42 -13.71
N PRO C 81 -3.26 1.39 -15.05
CA PRO C 81 -4.10 2.23 -15.88
C PRO C 81 -5.52 1.71 -16.10
N VAL C 82 -6.12 1.08 -15.10
CA VAL C 82 -7.53 0.72 -15.23
C VAL C 82 -8.40 1.96 -14.98
N ALA C 83 -9.60 1.94 -15.53
CA ALA C 83 -10.59 2.98 -15.30
C ALA C 83 -11.67 2.45 -14.37
N THR C 84 -11.25 2.02 -13.18
CA THR C 84 -12.17 1.52 -12.18
C THR C 84 -11.96 2.37 -10.96
N GLY C 85 -12.93 2.39 -10.07
CA GLY C 85 -12.84 3.13 -8.85
C GLY C 85 -12.65 2.26 -7.64
N VAL C 86 -13.25 2.73 -6.54
CA VAL C 86 -13.29 2.03 -5.28
C VAL C 86 -14.72 2.07 -4.71
N VAL C 87 -15.31 0.88 -4.58
CA VAL C 87 -16.73 0.73 -4.36
C VAL C 87 -16.98 -0.56 -3.59
N GLY C 88 -17.77 -0.51 -2.53
CA GLY C 88 -17.98 -1.69 -1.75
C GLY C 88 -18.71 -1.48 -0.46
N VAL C 89 -18.76 -2.56 0.34
CA VAL C 89 -19.58 -2.59 1.55
C VAL C 89 -18.80 -3.19 2.68
N ILE C 90 -18.90 -2.55 3.84
CA ILE C 90 -18.24 -2.98 5.05
C ILE C 90 -19.28 -3.55 5.97
N ALA C 91 -19.07 -4.77 6.45
CA ALA C 91 -20.03 -5.43 7.34
C ALA C 91 -19.43 -5.73 8.70
N TYR C 92 -20.03 -5.20 9.76
CA TYR C 92 -19.64 -5.52 11.12
C TYR C 92 -20.77 -6.20 11.83
N SER C 93 -20.47 -7.26 12.57
CA SER C 93 -21.48 -7.88 13.43
C SER C 93 -21.49 -7.09 14.75
N MET C 94 -22.64 -6.97 15.37
CA MET C 94 -22.80 -6.19 16.60
C MET C 94 -23.22 -7.13 17.68
N SER C 95 -22.96 -6.76 18.93
CA SER C 95 -23.12 -7.71 20.02
C SER C 95 -24.60 -8.04 20.28
N ASP C 96 -25.52 -7.35 19.61
CA ASP C 96 -26.95 -7.69 19.70
C ASP C 96 -27.37 -8.79 18.70
N GLY C 97 -26.43 -9.35 17.95
CA GLY C 97 -26.73 -10.39 16.98
C GLY C 97 -26.93 -9.90 15.56
N ASN C 98 -26.92 -8.59 15.33
CA ASN C 98 -27.17 -8.05 14.00
C ASN C 98 -25.95 -7.49 13.31
N THR C 99 -26.11 -7.11 12.03
CA THR C 99 -25.04 -6.56 11.20
C THR C 99 -25.18 -5.09 10.86
N LEU C 100 -24.14 -4.32 11.17
CA LEU C 100 -24.02 -2.95 10.68
C LEU C 100 -23.33 -2.99 9.32
N ALA C 101 -23.97 -2.48 8.28
CA ALA C 101 -23.39 -2.51 6.95
C ALA C 101 -23.20 -1.10 6.47
N VAL C 102 -22.15 -0.86 5.69
CA VAL C 102 -21.86 0.49 5.21
C VAL C 102 -21.38 0.48 3.77
N LEU C 103 -22.09 1.17 2.89
CA LEU C 103 -21.73 1.28 1.48
C LEU C 103 -20.89 2.51 1.24
N PHE C 104 -19.98 2.40 0.26
CA PHE C 104 -19.24 3.56 -0.25
C PHE C 104 -19.09 3.36 -1.76
N SER C 105 -19.16 4.44 -2.53
CA SER C 105 -18.89 4.38 -3.97
C SER C 105 -18.11 5.64 -4.38
N VAL C 106 -16.91 5.42 -4.90
CA VAL C 106 -16.07 6.47 -5.39
C VAL C 106 -15.64 6.06 -6.80
N PRO C 107 -16.39 6.51 -7.81
CA PRO C 107 -16.20 5.99 -9.16
C PRO C 107 -15.04 6.61 -9.89
N TYR C 108 -14.58 5.94 -10.94
CA TYR C 108 -13.55 6.51 -11.79
C TYR C 108 -14.11 7.63 -12.62
N ASP C 109 -15.15 7.36 -13.41
CA ASP C 109 -15.66 8.33 -14.40
C ASP C 109 -16.77 9.27 -13.86
N TYR C 110 -16.38 10.42 -13.36
CA TYR C 110 -17.34 11.37 -12.80
C TYR C 110 -18.29 11.96 -13.82
N ASN C 111 -18.03 11.76 -15.12
CA ASN C 111 -18.99 12.14 -16.14
C ASN C 111 -20.29 11.38 -15.98
N TRP C 112 -20.15 10.08 -15.73
CA TRP C 112 -21.30 9.18 -15.68
C TRP C 112 -21.77 8.89 -14.24
N TYR C 113 -20.94 9.11 -13.24
CA TYR C 113 -21.26 8.68 -11.86
C TYR C 113 -20.88 9.68 -10.78
N SER C 114 -21.37 9.47 -9.56
CA SER C 114 -21.08 10.31 -8.41
C SER C 114 -20.67 9.46 -7.25
N ASN C 115 -20.20 10.12 -6.20
CA ASN C 115 -19.96 9.44 -4.93
C ASN C 115 -21.28 9.13 -4.27
N TRP C 116 -21.37 7.99 -3.59
CA TRP C 116 -22.55 7.59 -2.83
C TRP C 116 -22.14 6.89 -1.56
N TRP C 117 -22.99 6.95 -0.54
CA TRP C 117 -22.82 6.08 0.63
C TRP C 117 -24.16 5.61 1.21
N ASN C 118 -24.11 4.60 2.10
CA ASN C 118 -25.28 4.13 2.81
C ASN C 118 -24.96 3.40 4.12
N VAL C 119 -25.92 3.35 5.02
CA VAL C 119 -25.76 2.68 6.30
C VAL C 119 -27.04 1.97 6.61
N ARG C 120 -26.96 0.69 6.94
CA ARG C 120 -28.15 -0.07 7.19
C ARG C 120 -27.85 -1.06 8.27
N VAL C 121 -28.87 -1.46 9.01
CA VAL C 121 -28.73 -2.55 9.95
C VAL C 121 -29.58 -3.72 9.49
N TYR C 122 -28.89 -4.76 9.05
CA TYR C 122 -29.49 -6.01 8.65
C TYR C 122 -29.62 -6.92 9.88
N LYS C 123 -30.64 -7.80 9.86
CA LYS C 123 -30.87 -8.73 10.95
C LYS C 123 -30.00 -9.97 10.81
N GLY C 124 -29.30 -10.30 11.89
CA GLY C 124 -28.38 -11.43 11.88
C GLY C 124 -27.00 -11.09 11.38
N GLN C 125 -26.16 -12.13 11.30
CA GLN C 125 -24.80 -12.07 10.74
C GLN C 125 -24.88 -12.15 9.23
N LYS C 126 -24.52 -11.10 8.51
CA LYS C 126 -24.53 -11.15 7.05
C LYS C 126 -23.24 -10.59 6.54
N ARG C 127 -22.46 -11.43 5.87
CA ARG C 127 -21.25 -10.94 5.28
C ARG C 127 -21.63 -10.05 4.09
N ALA C 128 -20.77 -9.10 3.79
CA ALA C 128 -21.02 -8.27 2.65
C ALA C 128 -20.76 -9.08 1.41
N ASP C 129 -21.46 -8.73 0.34
CA ASP C 129 -21.28 -9.36 -0.97
C ASP C 129 -22.06 -8.62 -2.05
N GLN C 130 -21.92 -9.08 -3.30
CA GLN C 130 -22.56 -8.43 -4.47
C GLN C 130 -24.02 -8.15 -4.27
N ARG C 131 -24.73 -9.02 -3.54
CA ARG C 131 -26.15 -8.75 -3.30
C ARG C 131 -26.27 -7.59 -2.32
N MET C 132 -25.63 -7.68 -1.16
CA MET C 132 -25.74 -6.61 -0.17
C MET C 132 -25.36 -5.25 -0.77
N TYR C 133 -24.40 -5.25 -1.69
CA TYR C 133 -24.00 -4.01 -2.35
C TYR C 133 -25.11 -3.51 -3.26
N GLU C 134 -25.60 -4.38 -4.13
CA GLU C 134 -26.73 -4.04 -5.01
C GLU C 134 -27.96 -3.52 -4.28
N GLU C 135 -28.23 -4.03 -3.08
CA GLU C 135 -29.35 -3.56 -2.29
C GLU C 135 -29.07 -2.15 -1.83
N LEU C 136 -27.97 -1.98 -1.12
CA LEU C 136 -27.63 -0.67 -0.57
C LEU C 136 -27.39 0.41 -1.61
N TYR C 137 -26.97 0.02 -2.81
CA TYR C 137 -26.69 0.97 -3.85
C TYR C 137 -27.92 1.34 -4.65
N TYR C 138 -28.66 0.34 -5.12
CA TYR C 138 -29.75 0.57 -6.06
C TYR C 138 -31.11 0.70 -5.42
N HIS C 139 -31.32 0.08 -4.27
CA HIS C 139 -32.66 -0.09 -3.74
C HIS C 139 -32.89 0.39 -2.31
N ARG C 140 -31.97 1.10 -1.66
CA ARG C 140 -32.25 1.49 -0.29
C ARG C 140 -31.98 2.92 -0.02
N SER C 141 -32.32 3.78 -0.98
CA SER C 141 -32.22 5.23 -0.79
C SER C 141 -30.87 5.63 -0.22
N PRO C 142 -29.82 5.42 -1.02
CA PRO C 142 -28.51 5.76 -0.55
C PRO C 142 -28.31 7.25 -0.67
N PHE C 143 -27.50 7.78 0.23
CA PHE C 143 -27.13 9.18 0.25
C PHE C 143 -26.06 9.50 -0.76
N ARG C 144 -26.10 10.70 -1.29
CA ARG C 144 -25.08 11.14 -2.20
C ARG C 144 -23.86 11.62 -1.41
N GLY C 145 -22.69 11.48 -2.04
CA GLY C 145 -21.47 12.10 -1.54
C GLY C 145 -21.54 13.54 -2.03
N ASP C 146 -22.29 14.37 -1.30
CA ASP C 146 -22.74 15.67 -1.77
C ASP C 146 -22.25 16.78 -0.84
N ASN C 147 -21.24 16.48 -0.03
CA ASN C 147 -20.72 17.44 0.93
C ASN C 147 -21.75 17.90 1.95
N GLY C 148 -22.63 16.98 2.34
CA GLY C 148 -23.67 17.25 3.33
C GLY C 148 -23.79 16.17 4.40
N TRP C 149 -24.24 16.60 5.58
CA TRP C 149 -24.56 15.70 6.67
C TRP C 149 -25.98 15.15 6.40
N HIS C 150 -26.18 13.88 6.74
CA HIS C 150 -27.46 13.21 6.58
C HIS C 150 -27.69 12.30 7.77
N SER C 151 -28.74 12.58 8.54
CA SER C 151 -29.16 11.68 9.62
C SER C 151 -30.17 10.62 9.13
N ARG C 152 -30.23 9.49 9.82
CA ARG C 152 -31.17 8.40 9.50
C ARG C 152 -31.28 7.33 10.61
N GLY C 153 -32.49 7.06 11.06
CA GLY C 153 -32.75 5.99 12.02
C GLY C 153 -32.50 4.63 11.39
N LEU C 154 -31.93 3.71 12.17
CA LEU C 154 -31.47 2.44 11.62
C LEU C 154 -32.33 1.29 12.05
N GLY C 155 -33.26 1.58 12.97
CA GLY C 155 -33.96 0.57 13.74
C GLY C 155 -33.07 0.06 14.86
N TYR C 156 -33.56 -0.90 15.62
CA TYR C 156 -32.78 -1.56 16.65
C TYR C 156 -32.25 -0.59 17.68
N GLY C 157 -33.00 0.48 17.92
CA GLY C 157 -32.61 1.51 18.89
C GLY C 157 -31.37 2.31 18.53
N LEU C 158 -31.11 2.44 17.22
CA LEU C 158 -29.93 3.09 16.69
C LEU C 158 -30.23 4.07 15.55
N LYS C 159 -29.44 5.14 15.51
CA LYS C 159 -29.46 6.08 14.39
C LYS C 159 -28.05 6.36 13.86
N SER C 160 -28.01 6.72 12.58
CA SER C 160 -26.80 7.15 11.89
C SER C 160 -26.82 8.67 11.71
N ARG C 161 -25.65 9.23 11.46
CA ARG C 161 -25.49 10.61 11.09
C ARG C 161 -24.15 10.68 10.38
N GLY C 162 -24.14 10.91 9.08
CA GLY C 162 -22.91 10.75 8.29
C GLY C 162 -22.67 11.82 7.24
N PHE C 163 -21.40 11.99 6.86
CA PHE C 163 -20.95 12.96 5.86
C PHE C 163 -20.04 12.28 4.83
N MET C 164 -20.18 12.64 3.56
CA MET C 164 -19.24 12.21 2.52
C MET C 164 -19.05 13.32 1.50
N ASN C 165 -17.78 13.63 1.22
CA ASN C 165 -17.43 14.69 0.30
C ASN C 165 -17.57 14.19 -1.13
N SER C 166 -17.40 15.11 -2.10
CA SER C 166 -17.77 14.84 -3.46
C SER C 166 -16.64 14.50 -4.37
N SER C 167 -15.41 14.48 -3.86
CA SER C 167 -14.21 14.32 -4.70
C SER C 167 -13.72 12.88 -4.84
N GLY C 168 -12.70 12.68 -5.68
CA GLY C 168 -12.00 11.40 -5.79
C GLY C 168 -11.18 11.01 -4.58
N HIS C 169 -10.85 11.97 -3.74
CA HIS C 169 -10.15 11.76 -2.47
C HIS C 169 -11.20 11.79 -1.38
N ALA C 170 -12.04 10.77 -1.42
CA ALA C 170 -13.24 10.72 -0.63
C ALA C 170 -12.97 10.44 0.83
N ILE C 171 -13.73 11.07 1.73
CA ILE C 171 -13.87 10.53 3.10
C ILE C 171 -15.32 10.39 3.49
N LEU C 172 -15.58 9.35 4.27
CA LEU C 172 -16.89 9.00 4.77
C LEU C 172 -16.80 8.96 6.27
N GLU C 173 -17.39 9.94 6.94
CA GLU C 173 -17.42 9.94 8.40
C GLU C 173 -18.84 9.65 8.82
N ILE C 174 -19.03 8.65 9.68
CA ILE C 174 -20.35 8.24 10.16
C ILE C 174 -20.36 8.07 11.66
N HIS C 175 -21.38 8.58 12.34
CA HIS C 175 -21.54 8.39 13.79
C HIS C 175 -22.77 7.56 14.03
N VAL C 176 -22.63 6.53 14.85
CA VAL C 176 -23.74 5.63 15.14
C VAL C 176 -24.05 5.75 16.61
N THR C 177 -25.22 6.30 16.90
CA THR C 177 -25.59 6.59 18.27
C THR C 177 -26.92 5.93 18.62
N LYS C 178 -27.19 5.87 19.92
CA LYS C 178 -28.44 5.33 20.40
C LYS C 178 -29.52 6.30 20.02
N ALA C 179 -30.46 5.83 19.21
CA ALA C 179 -31.61 6.64 18.82
C ALA C 179 -32.41 6.97 20.07
N VAL D 4 4.53 14.15 -49.00
CA VAL D 4 4.40 12.77 -48.49
C VAL D 4 3.70 12.84 -47.13
N ALA D 5 2.94 11.80 -46.80
CA ALA D 5 2.22 11.68 -45.51
C ALA D 5 3.17 11.62 -44.31
N GLY D 6 4.49 11.53 -44.57
CA GLY D 6 5.52 11.85 -43.57
C GLY D 6 5.30 13.17 -42.82
N ALA D 7 4.82 14.19 -43.52
CA ALA D 7 4.54 15.50 -42.89
C ALA D 7 3.28 15.51 -42.03
N VAL D 8 2.36 14.56 -42.29
CA VAL D 8 1.14 14.39 -41.45
C VAL D 8 1.51 13.78 -40.09
N ILE D 9 2.45 12.84 -40.11
CA ILE D 9 2.95 12.15 -38.91
C ILE D 9 3.65 13.14 -37.97
N ASP D 10 4.43 14.06 -38.54
CA ASP D 10 5.09 15.11 -37.75
C ASP D 10 4.11 16.18 -37.30
N GLY D 11 3.15 16.50 -38.16
CA GLY D 11 2.10 17.43 -37.81
C GLY D 11 1.36 16.91 -36.59
N ALA D 12 1.01 15.63 -36.62
CA ALA D 12 0.39 14.97 -35.48
C ALA D 12 1.30 15.07 -34.24
N GLY D 13 2.61 14.83 -34.45
CA GLY D 13 3.61 14.88 -33.38
C GLY D 13 3.70 16.23 -32.72
N LEU D 14 3.93 17.25 -33.51
CA LEU D 14 3.92 18.59 -32.99
C LEU D 14 2.57 18.84 -32.35
N GLY D 15 1.50 18.60 -33.10
CA GLY D 15 0.15 18.79 -32.60
C GLY D 15 -0.10 18.13 -31.26
N PHE D 16 0.48 16.96 -31.05
CA PHE D 16 0.37 16.25 -29.79
C PHE D 16 1.14 16.92 -28.65
N ASP D 17 2.37 17.39 -28.94
CA ASP D 17 3.18 18.13 -27.95
C ASP D 17 2.61 19.48 -27.57
N VAL D 18 1.98 20.15 -28.52
CA VAL D 18 1.20 21.33 -28.20
C VAL D 18 0.16 20.91 -27.18
N LEU D 19 -0.62 19.89 -27.52
CA LEU D 19 -1.79 19.54 -26.71
C LEU D 19 -1.39 19.32 -25.26
N LYS D 20 -0.36 18.53 -25.02
CA LYS D 20 -0.08 18.19 -23.65
C LYS D 20 0.54 19.36 -22.88
N THR D 21 1.42 20.13 -23.52
CA THR D 21 1.86 21.40 -22.91
C THR D 21 0.67 22.22 -22.41
N VAL D 22 -0.36 22.36 -23.22
CA VAL D 22 -1.52 23.16 -22.86
C VAL D 22 -2.30 22.48 -21.74
N LEU D 23 -2.43 21.15 -21.78
CA LEU D 23 -3.17 20.43 -20.72
C LEU D 23 -2.42 20.42 -19.39
N GLU D 24 -1.10 20.20 -19.42
CA GLU D 24 -0.29 20.32 -18.20
C GLU D 24 -0.28 21.73 -17.59
N ALA D 25 -0.45 22.75 -18.43
CA ALA D 25 -0.58 24.12 -17.95
C ALA D 25 -1.87 24.30 -17.19
N LEU D 26 -2.99 24.08 -17.86
CA LEU D 26 -4.31 24.25 -17.23
C LEU D 26 -4.46 23.37 -15.99
N GLY D 27 -3.74 22.24 -16.01
CA GLY D 27 -3.65 21.33 -14.88
C GLY D 27 -3.00 21.98 -13.68
N ASN D 28 -2.05 22.89 -13.92
CA ASN D 28 -1.38 23.56 -12.81
C ASN D 28 -2.05 24.77 -12.22
N VAL D 29 -3.04 25.31 -12.90
CA VAL D 29 -3.75 26.44 -12.36
C VAL D 29 -4.47 25.92 -11.15
N LYS D 30 -4.25 26.57 -10.02
CA LYS D 30 -4.93 26.21 -8.77
C LYS D 30 -5.89 27.32 -8.39
N ARG D 31 -7.09 26.93 -7.99
CA ARG D 31 -8.02 27.85 -7.42
C ARG D 31 -8.44 27.20 -6.15
N LYS D 32 -8.32 27.89 -5.02
CA LYS D 32 -8.75 27.29 -3.77
C LYS D 32 -9.25 28.30 -2.76
N ILE D 33 -9.90 27.78 -1.72
CA ILE D 33 -10.42 28.63 -0.69
C ILE D 33 -10.29 28.00 0.68
N ALA D 34 -9.70 28.76 1.61
CA ALA D 34 -9.68 28.44 3.02
C ALA D 34 -10.77 29.30 3.66
N VAL D 35 -11.62 28.71 4.48
CA VAL D 35 -12.70 29.44 5.12
C VAL D 35 -12.57 29.27 6.59
N GLY D 36 -12.64 30.37 7.32
CA GLY D 36 -12.59 30.35 8.78
C GLY D 36 -13.67 31.28 9.27
N ILE D 37 -14.64 30.73 10.01
CA ILE D 37 -15.74 31.50 10.56
C ILE D 37 -15.75 31.38 12.07
N ASP D 38 -15.79 32.52 12.73
CA ASP D 38 -15.73 32.58 14.18
C ASP D 38 -17.14 32.74 14.73
N ASN D 39 -17.60 31.76 15.50
CA ASN D 39 -18.91 31.83 16.09
C ASN D 39 -18.82 32.48 17.46
N GLU D 40 -19.23 33.76 17.50
CA GLU D 40 -19.47 34.50 18.74
C GLU D 40 -20.92 34.96 18.75
N SER D 41 -21.82 34.06 18.33
CA SER D 41 -23.25 34.36 18.10
C SER D 41 -24.11 34.08 19.31
N GLY D 42 -23.53 33.42 20.31
CA GLY D 42 -24.26 33.00 21.49
C GLY D 42 -24.95 31.66 21.33
N LYS D 43 -25.05 31.14 20.11
CA LYS D 43 -25.67 29.82 19.90
C LYS D 43 -24.77 28.82 19.22
N THR D 44 -25.17 27.57 19.30
CA THR D 44 -24.45 26.49 18.68
C THR D 44 -24.85 26.27 17.24
N TRP D 45 -23.87 26.15 16.36
CA TRP D 45 -24.17 25.84 14.99
C TRP D 45 -23.95 24.36 14.70
N THR D 46 -24.84 23.80 13.88
CA THR D 46 -24.70 22.44 13.39
C THR D 46 -24.74 22.41 11.90
N ALA D 47 -23.78 21.69 11.34
CA ALA D 47 -23.55 21.73 9.91
C ALA D 47 -24.67 21.07 9.17
N MET D 48 -24.99 21.61 8.03
CA MET D 48 -25.87 20.93 7.13
C MET D 48 -25.08 20.45 5.94
N ASN D 49 -24.58 21.39 5.13
CA ASN D 49 -23.91 21.00 3.91
C ASN D 49 -23.25 22.14 3.19
N THR D 50 -22.45 21.78 2.19
CA THR D 50 -21.86 22.73 1.28
C THR D 50 -22.29 22.43 -0.18
N TYR D 51 -23.01 23.36 -0.80
CA TYR D 51 -23.32 23.21 -2.21
C TYR D 51 -22.24 23.86 -3.02
N PHE D 52 -21.51 23.04 -3.76
CA PHE D 52 -20.51 23.55 -4.70
C PHE D 52 -21.16 23.75 -6.07
N ARG D 53 -21.21 24.98 -6.50
CA ARG D 53 -21.58 25.28 -7.86
C ARG D 53 -20.46 24.94 -8.82
N SER D 54 -19.24 25.10 -8.31
CA SER D 54 -18.03 24.75 -9.03
C SER D 54 -17.05 24.17 -8.02
N GLY D 55 -16.28 23.19 -8.46
CA GLY D 55 -15.29 22.53 -7.59
C GLY D 55 -15.82 21.61 -6.50
N THR D 56 -14.94 21.35 -5.53
CA THR D 56 -15.11 20.29 -4.57
C THR D 56 -14.31 20.59 -3.29
N SER D 57 -14.37 19.65 -2.35
CA SER D 57 -13.57 19.66 -1.11
C SER D 57 -13.02 18.27 -0.85
N ASP D 58 -11.99 18.19 -0.03
CA ASP D 58 -11.41 16.91 0.34
C ASP D 58 -11.58 16.61 1.80
N ILE D 59 -12.33 17.43 2.51
CA ILE D 59 -12.46 17.21 3.94
C ILE D 59 -13.94 17.25 4.40
N VAL D 60 -14.15 16.77 5.63
CA VAL D 60 -15.44 16.86 6.29
C VAL D 60 -15.76 18.29 6.70
N LEU D 61 -17.03 18.69 6.54
CA LEU D 61 -17.54 19.98 7.00
C LEU D 61 -17.81 19.86 8.50
N PRO D 62 -17.01 20.54 9.33
CA PRO D 62 -17.16 20.35 10.78
C PRO D 62 -18.61 20.34 11.26
N HIS D 63 -19.02 19.29 11.95
CA HIS D 63 -20.40 19.13 12.38
C HIS D 63 -20.82 20.15 13.44
N LYS D 64 -20.11 20.26 14.56
CA LYS D 64 -20.51 21.23 15.60
C LYS D 64 -19.55 22.37 15.69
N VAL D 65 -20.04 23.49 16.21
CA VAL D 65 -19.24 24.67 16.42
C VAL D 65 -19.90 25.41 17.57
N ALA D 66 -19.37 25.37 18.78
CA ALA D 66 -20.05 26.03 19.93
C ALA D 66 -19.91 27.59 19.96
N HIS D 67 -20.58 28.27 20.92
CA HIS D 67 -20.27 29.70 21.21
C HIS D 67 -18.77 29.79 21.47
N GLY D 68 -18.14 30.82 20.94
CA GLY D 68 -16.74 31.07 21.20
C GLY D 68 -15.80 30.10 20.54
N LYS D 69 -16.22 29.46 19.46
CA LYS D 69 -15.32 28.57 18.69
C LYS D 69 -15.37 28.89 17.21
N ALA D 70 -14.43 28.36 16.47
CA ALA D 70 -14.28 28.70 15.06
C ALA D 70 -14.39 27.50 14.21
N LEU D 71 -14.88 27.69 13.01
CA LEU D 71 -15.07 26.59 12.12
C LEU D 71 -14.06 26.76 11.02
N LEU D 72 -13.40 25.66 10.63
CA LEU D 72 -12.45 25.69 9.52
C LEU D 72 -12.84 24.68 8.48
N TYR D 73 -12.95 25.14 7.24
CA TYR D 73 -13.32 24.28 6.15
C TYR D 73 -12.54 24.78 4.99
N ASN D 74 -12.42 24.00 3.93
CA ASN D 74 -11.85 24.48 2.69
C ASN D 74 -12.23 23.61 1.52
N GLY D 75 -11.91 24.10 0.33
CA GLY D 75 -12.22 23.43 -0.92
C GLY D 75 -11.26 23.90 -2.00
N GLN D 76 -11.52 23.49 -3.24
CA GLN D 76 -10.64 23.78 -4.33
C GLN D 76 -11.28 23.31 -5.64
N LYS D 77 -10.80 23.80 -6.78
CA LYS D 77 -11.40 23.46 -8.07
C LYS D 77 -11.16 22.01 -8.39
N ASN D 78 -11.89 21.50 -9.38
CA ASN D 78 -11.78 20.10 -9.73
C ASN D 78 -10.45 19.78 -10.33
N ARG D 79 -9.92 18.61 -9.98
CA ARG D 79 -8.63 18.17 -10.52
C ARG D 79 -8.66 17.99 -12.01
N GLY D 80 -7.52 18.20 -12.65
CA GLY D 80 -7.44 18.04 -14.10
C GLY D 80 -7.45 19.38 -14.83
N PRO D 81 -7.34 19.32 -16.18
CA PRO D 81 -7.28 20.50 -17.00
C PRO D 81 -8.63 21.16 -17.29
N VAL D 82 -9.55 21.16 -16.35
CA VAL D 82 -10.76 21.93 -16.53
C VAL D 82 -10.51 23.43 -16.26
N ALA D 83 -11.34 24.28 -16.85
CA ALA D 83 -11.31 25.71 -16.60
C ALA D 83 -12.51 26.10 -15.74
N THR D 84 -12.59 25.50 -14.56
CA THR D 84 -13.62 25.80 -13.60
C THR D 84 -12.92 26.23 -12.35
N GLY D 85 -13.64 26.94 -11.48
CA GLY D 85 -13.11 27.35 -10.20
C GLY D 85 -13.68 26.57 -9.03
N VAL D 86 -13.84 27.29 -7.93
CA VAL D 86 -14.42 26.82 -6.68
C VAL D 86 -15.40 27.89 -6.16
N VAL D 87 -16.67 27.49 -6.12
CA VAL D 87 -17.78 28.40 -5.94
C VAL D 87 -18.92 27.67 -5.25
N GLY D 88 -19.48 28.26 -4.21
CA GLY D 88 -20.53 27.57 -3.51
C GLY D 88 -21.00 28.22 -2.25
N VAL D 89 -21.87 27.49 -1.52
CA VAL D 89 -22.51 28.00 -0.32
C VAL D 89 -22.47 26.99 0.81
N ILE D 90 -22.13 27.49 1.99
CA ILE D 90 -22.04 26.69 3.19
C ILE D 90 -23.24 27.04 4.07
N ALA D 91 -23.98 26.03 4.47
CA ALA D 91 -25.15 26.23 5.29
C ALA D 91 -24.99 25.56 6.64
N TYR D 92 -25.07 26.33 7.71
CA TYR D 92 -25.14 25.79 9.06
C TYR D 92 -26.50 26.12 9.70
N SER D 93 -27.09 25.15 10.39
CA SER D 93 -28.30 25.42 11.17
C SER D 93 -27.82 25.95 12.53
N MET D 94 -28.58 26.87 13.12
CA MET D 94 -28.21 27.50 14.38
C MET D 94 -29.25 27.11 15.40
N SER D 95 -28.89 27.14 16.67
CA SER D 95 -29.76 26.63 17.70
C SER D 95 -31.02 27.49 17.91
N ASP D 96 -31.12 28.63 17.24
CA ASP D 96 -32.36 29.40 17.27
C ASP D 96 -33.38 28.95 16.21
N GLY D 97 -33.08 27.91 15.46
CA GLY D 97 -33.98 27.43 14.43
C GLY D 97 -33.70 27.94 13.02
N ASN D 98 -32.74 28.85 12.87
CA ASN D 98 -32.42 29.43 11.56
C ASN D 98 -31.13 28.93 10.95
N THR D 99 -30.90 29.32 9.70
CA THR D 99 -29.72 28.93 8.95
C THR D 99 -28.72 30.08 8.70
N LEU D 100 -27.47 29.88 9.08
CA LEU D 100 -26.40 30.75 8.65
C LEU D 100 -25.90 30.24 7.31
N ALA D 101 -25.91 31.08 6.28
CA ALA D 101 -25.42 30.68 4.96
C ALA D 101 -24.23 31.54 4.57
N VAL D 102 -23.26 30.97 3.84
CA VAL D 102 -22.06 31.70 3.46
C VAL D 102 -21.64 31.37 2.03
N LEU D 103 -21.61 32.38 1.17
CA LEU D 103 -21.19 32.22 -0.22
C LEU D 103 -19.71 32.47 -0.36
N PHE D 104 -19.11 31.76 -1.32
CA PHE D 104 -17.74 32.06 -1.76
C PHE D 104 -17.68 31.85 -3.27
N SER D 105 -16.91 32.68 -3.98
CA SER D 105 -16.68 32.46 -5.41
C SER D 105 -15.22 32.80 -5.75
N VAL D 106 -14.50 31.80 -6.27
CA VAL D 106 -13.13 31.93 -6.66
C VAL D 106 -13.01 31.37 -8.07
N PRO D 107 -13.14 32.23 -9.08
CA PRO D 107 -13.35 31.76 -10.43
C PRO D 107 -12.06 31.38 -11.11
N TYR D 108 -12.18 30.59 -12.17
CA TYR D 108 -11.01 30.24 -12.97
C TYR D 108 -10.55 31.46 -13.76
N ASP D 109 -11.43 32.04 -14.58
CA ASP D 109 -11.03 33.11 -15.52
C ASP D 109 -11.18 34.54 -14.94
N TYR D 110 -10.11 35.05 -14.36
CA TYR D 110 -10.12 36.40 -13.78
C TYR D 110 -10.27 37.52 -14.78
N ASN D 111 -10.19 37.22 -16.08
CA ASN D 111 -10.56 38.21 -17.08
C ASN D 111 -12.02 38.59 -17.02
N TRP D 112 -12.85 37.58 -16.85
CA TRP D 112 -14.30 37.74 -16.87
C TRP D 112 -14.94 37.83 -15.47
N TYR D 113 -14.25 37.37 -14.43
CA TYR D 113 -14.84 37.27 -13.08
C TYR D 113 -13.90 37.68 -11.94
N SER D 114 -14.46 37.86 -10.75
CA SER D 114 -13.71 38.23 -9.55
C SER D 114 -14.09 37.30 -8.44
N ASN D 115 -13.34 37.40 -7.34
CA ASN D 115 -13.75 36.78 -6.08
C ASN D 115 -14.90 37.52 -5.43
N TRP D 116 -15.84 36.77 -4.86
CA TRP D 116 -16.99 37.31 -4.18
C TRP D 116 -17.32 36.48 -2.95
N TRP D 117 -17.93 37.10 -1.95
CA TRP D 117 -18.48 36.35 -0.83
C TRP D 117 -19.76 36.97 -0.30
N ASN D 118 -20.49 36.20 0.52
CA ASN D 118 -21.70 36.72 1.17
C ASN D 118 -22.04 35.99 2.43
N VAL D 119 -22.81 36.63 3.31
CA VAL D 119 -23.30 36.02 4.55
C VAL D 119 -24.73 36.43 4.76
N ARG D 120 -25.60 35.47 5.00
CA ARG D 120 -26.98 35.78 5.18
C ARG D 120 -27.54 34.86 6.23
N VAL D 121 -28.58 35.31 6.91
CA VAL D 121 -29.33 34.44 7.80
C VAL D 121 -30.74 34.22 7.24
N TYR D 122 -30.97 33.00 6.77
CA TYR D 122 -32.26 32.55 6.29
C TYR D 122 -33.08 31.98 7.45
N LYS D 123 -34.41 32.10 7.35
CA LYS D 123 -35.34 31.58 8.38
C LYS D 123 -35.60 30.09 8.19
N GLY D 124 -35.41 29.34 9.27
CA GLY D 124 -35.54 27.90 9.24
C GLY D 124 -34.30 27.16 8.80
N GLN D 125 -34.44 25.83 8.69
CA GLN D 125 -33.44 24.91 8.16
C GLN D 125 -33.46 24.94 6.64
N LYS D 126 -32.42 25.45 6.01
CA LYS D 126 -32.38 25.43 4.55
C LYS D 126 -31.03 24.89 4.13
N ARG D 127 -31.03 23.76 3.44
CA ARG D 127 -29.80 23.26 2.88
C ARG D 127 -29.37 24.16 1.74
N ALA D 128 -28.07 24.24 1.51
CA ALA D 128 -27.58 25.03 0.43
C ALA D 128 -27.92 24.29 -0.85
N ASP D 129 -28.11 25.05 -1.92
CA ASP D 129 -28.35 24.52 -3.26
C ASP D 129 -28.29 25.62 -4.32
N GLN D 130 -28.43 25.22 -5.58
CA GLN D 130 -28.36 26.14 -6.71
C GLN D 130 -29.20 27.40 -6.53
N ARG D 131 -30.36 27.29 -5.89
CA ARG D 131 -31.18 28.48 -5.67
C ARG D 131 -30.52 29.36 -4.63
N MET D 132 -30.19 28.80 -3.48
CA MET D 132 -29.55 29.62 -2.44
C MET D 132 -28.30 30.35 -2.97
N TYR D 133 -27.58 29.69 -3.87
CA TYR D 133 -26.36 30.25 -4.42
C TYR D 133 -26.73 31.40 -5.31
N GLU D 134 -27.63 31.16 -6.24
CA GLU D 134 -28.12 32.21 -7.15
C GLU D 134 -28.64 33.44 -6.42
N GLU D 135 -29.26 33.26 -5.26
CA GLU D 135 -29.75 34.40 -4.46
C GLU D 135 -28.57 35.17 -3.92
N LEU D 136 -27.72 34.48 -3.18
CA LEU D 136 -26.57 35.13 -2.53
C LEU D 136 -25.56 35.73 -3.50
N TYR D 137 -25.48 35.16 -4.71
CA TYR D 137 -24.55 35.64 -5.70
C TYR D 137 -25.10 36.78 -6.52
N TYR D 138 -26.30 36.62 -7.06
CA TYR D 138 -26.85 37.59 -8.02
C TYR D 138 -27.75 38.67 -7.43
N HIS D 139 -28.41 38.36 -6.31
CA HIS D 139 -29.50 39.21 -5.83
C HIS D 139 -29.40 39.66 -4.37
N ARG D 140 -28.29 39.47 -3.67
CA ARG D 140 -28.27 39.94 -2.26
C ARG D 140 -27.04 40.73 -1.91
N SER D 141 -26.62 41.60 -2.82
CA SER D 141 -25.54 42.54 -2.55
C SER D 141 -24.36 41.82 -1.94
N PRO D 142 -23.72 40.94 -2.71
CA PRO D 142 -22.59 40.24 -2.19
C PRO D 142 -21.37 41.14 -2.22
N PHE D 143 -20.46 40.91 -1.27
CA PHE D 143 -19.22 41.65 -1.15
C PHE D 143 -18.19 41.13 -2.10
N ARG D 144 -17.33 42.02 -2.57
CA ARG D 144 -16.26 41.60 -3.42
C ARG D 144 -15.12 41.02 -2.59
N GLY D 145 -14.37 40.10 -3.18
CA GLY D 145 -13.09 39.67 -2.62
C GLY D 145 -12.08 40.73 -3.02
N ASP D 146 -12.07 41.83 -2.27
CA ASP D 146 -11.41 43.09 -2.66
C ASP D 146 -10.33 43.49 -1.64
N ASN D 147 -9.89 42.53 -0.83
CA ASN D 147 -8.88 42.78 0.18
C ASN D 147 -9.32 43.82 1.19
N GLY D 148 -10.61 43.81 1.50
CA GLY D 148 -11.19 44.74 2.48
C GLY D 148 -12.10 44.06 3.48
N TRP D 149 -12.18 44.66 4.67
CA TRP D 149 -13.13 44.23 5.67
C TRP D 149 -14.49 44.86 5.31
N HIS D 150 -15.56 44.10 5.55
CA HIS D 150 -16.93 44.56 5.35
C HIS D 150 -17.82 44.08 6.50
N SER D 151 -18.40 45.01 7.26
CA SER D 151 -19.41 44.68 8.28
C SER D 151 -20.84 44.71 7.70
N ARG D 152 -21.75 43.96 8.33
CA ARG D 152 -23.15 43.88 7.91
C ARG D 152 -24.06 43.18 8.94
N GLY D 153 -25.13 43.85 9.34
CA GLY D 153 -26.14 43.25 10.22
C GLY D 153 -26.87 42.12 9.53
N LEU D 154 -27.16 41.06 10.26
CA LEU D 154 -27.74 39.86 9.65
C LEU D 154 -29.21 39.68 10.00
N GLY D 155 -29.72 40.56 10.88
CA GLY D 155 -30.96 40.33 11.57
C GLY D 155 -30.77 39.31 12.69
N TYR D 156 -31.85 38.99 13.38
CA TYR D 156 -31.84 37.93 14.39
C TYR D 156 -30.82 38.22 15.50
N GLY D 157 -30.58 39.51 15.76
CA GLY D 157 -29.66 39.95 16.81
C GLY D 157 -28.20 39.66 16.54
N LEU D 158 -27.86 39.58 15.25
CA LEU D 158 -26.53 39.14 14.79
C LEU D 158 -25.97 40.04 13.71
N LYS D 159 -24.65 40.24 13.76
CA LYS D 159 -23.94 40.91 12.69
C LYS D 159 -22.74 40.08 12.21
N SER D 160 -22.37 40.31 10.94
CA SER D 160 -21.17 39.76 10.32
C SER D 160 -20.09 40.83 10.19
N ARG D 161 -18.87 40.37 10.03
CA ARG D 161 -17.74 41.22 9.70
C ARG D 161 -16.70 40.31 9.08
N GLY D 162 -16.40 40.50 7.80
CA GLY D 162 -15.62 39.53 7.05
C GLY D 162 -14.65 40.12 6.07
N PHE D 163 -13.63 39.33 5.73
CA PHE D 163 -12.54 39.73 4.83
C PHE D 163 -12.33 38.64 3.81
N MET D 164 -12.07 39.02 2.56
CA MET D 164 -11.68 38.07 1.52
C MET D 164 -10.68 38.73 0.57
N ASN D 165 -9.56 38.06 0.35
CA ASN D 165 -8.55 38.55 -0.54
C ASN D 165 -8.95 38.35 -2.00
N SER D 166 -8.12 38.87 -2.90
CA SER D 166 -8.48 38.94 -4.30
C SER D 166 -7.91 37.90 -5.21
N SER D 167 -7.09 37.00 -4.69
CA SER D 167 -6.30 36.05 -5.51
C SER D 167 -6.98 34.70 -5.71
N GLY D 168 -6.36 33.86 -6.53
CA GLY D 168 -6.77 32.46 -6.70
C GLY D 168 -6.52 31.57 -5.50
N HIS D 169 -5.65 31.99 -4.60
CA HIS D 169 -5.40 31.34 -3.34
C HIS D 169 -6.16 32.08 -2.27
N ALA D 170 -7.48 31.96 -2.37
CA ALA D 170 -8.39 32.77 -1.60
C ALA D 170 -8.48 32.36 -0.14
N ILE D 171 -8.60 33.33 0.76
CA ILE D 171 -9.16 33.05 2.10
C ILE D 171 -10.30 33.99 2.48
N LEU D 172 -11.28 33.42 3.21
CA LEU D 172 -12.46 34.11 3.64
C LEU D 172 -12.50 33.98 5.14
N GLU D 173 -12.26 35.07 5.84
CA GLU D 173 -12.37 35.08 7.30
C GLU D 173 -13.63 35.88 7.68
N ILE D 174 -14.53 35.28 8.47
CA ILE D 174 -15.76 35.93 8.88
C ILE D 174 -15.99 35.77 10.37
N HIS D 175 -16.39 36.85 11.04
CA HIS D 175 -16.74 36.80 12.46
C HIS D 175 -18.22 37.10 12.60
N VAL D 176 -18.93 36.27 13.37
CA VAL D 176 -20.37 36.44 13.57
C VAL D 176 -20.60 36.71 15.04
N THR D 177 -21.02 37.93 15.34
CA THR D 177 -21.14 38.40 16.71
C THR D 177 -22.54 38.89 16.99
N LYS D 178 -22.84 39.03 18.28
CA LYS D 178 -24.13 39.56 18.69
C LYS D 178 -24.16 41.01 18.34
N ALA D 179 -25.07 41.37 17.46
CA ALA D 179 -25.25 42.76 17.09
C ALA D 179 -25.62 43.56 18.34
#